data_4BVP
#
_entry.id   4BVP
#
_cell.length_a   64.564
_cell.length_b   85.436
_cell.length_c   71.779
_cell.angle_alpha   90.00
_cell.angle_beta   103.94
_cell.angle_gamma   90.00
#
_symmetry.space_group_name_H-M   'P 1 21 1'
#
loop_
_entity.id
_entity.type
_entity.pdbx_description
1 polymer 'ECTONUCLEOSIDE TRIPHOSPHATE DIPHOSPHOHYDROLASE I'
2 non-polymer 'SODIUM ION'
3 non-polymer 'MOLYBDATE ION'
4 non-polymer 'MAGNESIUM ION'
5 non-polymer '2-(N-MORPHOLINO)-ETHANESULFONIC ACID'
6 non-polymer GLYCEROL
7 non-polymer 'bis(mu2-oxo)-octaoxo-dimolybdenum (VI)'
8 non-polymer 1,2-ETHANEDIOL
9 non-polymer TETRAKIS-(MU-OXO)-DECA-OXO-TRIMOLYBDENUM
10 non-polymer 'bis(mu4-oxo)-bis(mu3-oxo)-octakis(mu2-oxo)-dodecaoxo-heptamolybdenum (VI)'
11 non-polymer 'CHLORIDE ION'
12 non-polymer 'bis(mu4-oxo)-tetrakis(mu3-oxo)-hexakis(mu2-oxo)-hexadecaoxo-octamolybdenum (VI)'
13 water water
#
_entity_poly.entity_id   1
_entity_poly.type   'polypeptide(L)'
_entity_poly.pdbx_seq_one_letter_code
;MDTNPCEKHSCIAVIDAGSTGSRLHIYSYDTDDTNTPIHIEEIWNKKIKPGFASIQPNSVTIDAYLTMLLADAPIHNIPV
YFYATAGMRLLPQSQQKKYYDELDYWFRQQSQWQLVEAKTITGNDEALFDWLAVNYKLDTLKSVQNKSVGVMDMGGASVQ
IVFPMPKNAEISKHNQVELNIYGQNINLYVHSFLGLGQTEMSHQFLNSPSCFANDYPLPDGESGQGNAPSCKEEVTSLMN
SVHKVNQQIQPLLALNPVNEWYSIGGISNLASSQLFHFENSELTNQSLLQQGDNQICHQQWDILNGQYPDDEYLYQYCLL
SSYYYALMVDGYGINPNQTIHYIPPEQNLDWTIGVVLHRALEHHHHHH
;
_entity_poly.pdbx_strand_id   A,B
#
loop_
_chem_comp.id
_chem_comp.type
_chem_comp.name
_chem_comp.formula
6LL non-polymer TETRAKIS-(MU-OXO)-DECA-OXO-TRIMOLYBDENUM 'Mo3 O14'
8M0 non-polymer 'bis(mu4-oxo)-tetrakis(mu3-oxo)-hexakis(mu2-oxo)-hexadecaoxo-octamolybdenum (VI)' 'Mo8 O28 -8'
CL non-polymer 'CHLORIDE ION' 'Cl -1'
EDO non-polymer 1,2-ETHANEDIOL 'C2 H6 O2'
GOL non-polymer GLYCEROL 'C3 H8 O3'
M27 non-polymer 'bis(mu2-oxo)-octaoxo-dimolybdenum (VI)' 'Mo2 O10 -8'
MES non-polymer '2-(N-MORPHOLINO)-ETHANESULFONIC ACID' 'C6 H13 N O4 S'
MG non-polymer 'MAGNESIUM ION' 'Mg 2'
MO7 non-polymer 'bis(mu4-oxo)-bis(mu3-oxo)-octakis(mu2-oxo)-dodecaoxo-heptamolybdenum (VI)' 'Mo7 O24 -6'
MOO non-polymer 'MOLYBDATE ION' 'Mo O4 -2'
NA non-polymer 'SODIUM ION' 'Na 1'
#
# COMPACT_ATOMS: atom_id res chain seq x y z
N ASN A 4 -13.94 -7.59 -40.50
CA ASN A 4 -14.38 -8.60 -39.48
C ASN A 4 -13.36 -9.72 -39.27
N PRO A 5 -12.28 -9.41 -38.56
CA PRO A 5 -11.08 -10.30 -38.49
C PRO A 5 -11.36 -11.66 -37.88
N CYS A 6 -12.30 -11.73 -36.95
CA CYS A 6 -12.65 -13.01 -36.29
C CYS A 6 -13.51 -13.95 -37.15
N GLU A 7 -13.94 -13.47 -38.33
CA GLU A 7 -14.58 -14.37 -39.33
C GLU A 7 -13.52 -15.06 -40.19
N LYS A 8 -12.26 -14.62 -40.08
CA LYS A 8 -11.13 -15.17 -40.86
C LYS A 8 -9.96 -15.71 -40.00
N HIS A 9 -10.04 -15.52 -38.68
CA HIS A 9 -8.98 -15.94 -37.76
C HIS A 9 -9.60 -16.40 -36.46
N SER A 10 -8.84 -17.20 -35.70
CA SER A 10 -9.21 -17.45 -34.32
C SER A 10 -9.13 -16.12 -33.57
N CYS A 11 -9.93 -15.99 -32.52
CA CYS A 11 -9.90 -14.80 -31.65
C CYS A 11 -10.07 -15.11 -30.17
N ILE A 12 -9.45 -14.29 -29.33
CA ILE A 12 -9.44 -14.45 -27.90
C ILE A 12 -9.37 -13.12 -27.18
N ALA A 13 -10.04 -13.03 -26.04
CA ALA A 13 -9.99 -11.81 -25.21
C ALA A 13 -9.14 -12.13 -23.98
N VAL A 14 -8.17 -11.27 -23.65
CA VAL A 14 -7.36 -11.41 -22.47
C VAL A 14 -7.45 -10.07 -21.74
N ILE A 15 -7.86 -10.13 -20.48
CA ILE A 15 -7.91 -8.95 -19.63
C ILE A 15 -6.81 -8.97 -18.60
N ASP A 16 -5.98 -7.93 -18.60
CA ASP A 16 -4.95 -7.69 -17.59
C ASP A 16 -5.60 -6.84 -16.49
N ALA A 17 -6.01 -7.47 -15.40
CA ALA A 17 -6.60 -6.78 -14.27
C ALA A 17 -5.54 -6.44 -13.26
N GLY A 18 -4.84 -5.34 -13.53
CA GLY A 18 -3.74 -4.90 -12.70
C GLY A 18 -4.11 -3.95 -11.56
N SER A 19 -3.12 -3.51 -10.79
CA SER A 19 -3.42 -2.73 -9.60
C SER A 19 -4.01 -1.36 -9.93
N THR A 20 -3.70 -0.80 -11.11
CA THR A 20 -4.16 0.59 -11.43
C THR A 20 -5.34 0.64 -12.41
N GLY A 21 -5.76 -0.48 -12.98
CA GLY A 21 -6.78 -0.47 -14.03
C GLY A 21 -6.90 -1.84 -14.69
N SER A 22 -7.89 -2.01 -15.53
CA SER A 22 -8.00 -3.28 -16.29
C SER A 22 -7.94 -2.99 -17.76
N ARG A 23 -7.13 -3.75 -18.49
CA ARG A 23 -7.01 -3.54 -19.91
C ARG A 23 -7.46 -4.80 -20.64
N LEU A 24 -8.52 -4.66 -21.42
CA LEU A 24 -9.03 -5.70 -22.29
C LEU A 24 -8.25 -5.64 -23.62
N HIS A 25 -7.78 -6.82 -24.08
CA HIS A 25 -7.29 -6.99 -25.42
C HIS A 25 -8.10 -8.04 -26.12
N ILE A 26 -8.45 -7.80 -27.38
CA ILE A 26 -8.88 -8.92 -28.25
C ILE A 26 -7.80 -9.13 -29.31
N TYR A 27 -7.30 -10.36 -29.46
CA TYR A 27 -6.34 -10.71 -30.46
C TYR A 27 -6.93 -11.67 -31.49
N SER A 28 -6.64 -11.43 -32.77
CA SER A 28 -6.88 -12.40 -33.80
C SER A 28 -5.53 -13.11 -33.98
N TYR A 29 -5.57 -14.35 -34.45
CA TYR A 29 -4.33 -15.11 -34.67
C TYR A 29 -4.64 -16.31 -35.58
N ASP A 30 -3.60 -16.83 -36.22
CA ASP A 30 -3.63 -18.12 -36.88
C ASP A 30 -2.80 -19.09 -36.07
N THR A 31 -2.69 -20.35 -36.51
CA THR A 31 -1.83 -21.29 -35.78
C THR A 31 -0.96 -22.06 -36.76
N ASP A 32 0.21 -22.46 -36.26
CA ASP A 32 1.14 -23.28 -37.04
C ASP A 32 0.78 -24.79 -37.03
N ASP A 33 1.69 -25.63 -37.54
CA ASP A 33 1.37 -27.09 -37.58
C ASP A 33 1.23 -27.79 -36.21
N THR A 34 1.65 -27.15 -35.10
CA THR A 34 1.36 -27.73 -33.77
C THR A 34 0.19 -26.97 -33.08
N ASN A 35 -0.54 -26.16 -33.85
CA ASN A 35 -1.68 -25.43 -33.31
C ASN A 35 -1.23 -24.39 -32.30
N THR A 36 -0.02 -23.89 -32.51
CA THR A 36 0.51 -22.78 -31.67
C THR A 36 0.23 -21.45 -32.39
N PRO A 37 -0.28 -20.45 -31.66
CA PRO A 37 -0.59 -19.16 -32.29
C PRO A 37 0.60 -18.52 -32.99
N ILE A 38 0.33 -17.99 -34.18
CA ILE A 38 1.26 -17.14 -34.91
C ILE A 38 0.43 -15.97 -35.48
N HIS A 39 1.10 -14.95 -36.01
CA HIS A 39 0.37 -13.83 -36.65
C HIS A 39 -0.62 -13.18 -35.66
N ILE A 40 -0.21 -13.09 -34.39
CA ILE A 40 -1.07 -12.54 -33.37
C ILE A 40 -1.17 -11.04 -33.61
N GLU A 41 -2.42 -10.54 -33.68
CA GLU A 41 -2.67 -9.12 -33.96
C GLU A 41 -3.72 -8.60 -32.98
N GLU A 42 -3.48 -7.44 -32.42
CA GLU A 42 -4.46 -6.86 -31.49
C GLU A 42 -5.52 -6.14 -32.33
N ILE A 43 -6.79 -6.52 -32.17
CA ILE A 43 -7.89 -5.93 -32.94
C ILE A 43 -8.77 -5.01 -32.09
N TRP A 44 -8.58 -5.04 -30.76
CA TRP A 44 -9.32 -4.20 -29.84
C TRP A 44 -8.55 -4.08 -28.53
N ASN A 45 -8.57 -2.89 -27.94
CA ASN A 45 -7.84 -2.59 -26.69
C ASN A 45 -8.74 -1.59 -25.95
N LYS A 46 -9.22 -1.92 -24.76
CA LYS A 46 -9.89 -0.95 -23.92
C LYS A 46 -9.41 -1.00 -22.49
N LYS A 47 -9.03 0.14 -21.91
CA LYS A 47 -8.61 0.21 -20.56
C LYS A 47 -9.61 1.03 -19.75
N ILE A 48 -9.90 0.57 -18.53
CA ILE A 48 -10.64 1.40 -17.58
C ILE A 48 -9.92 1.47 -16.22
N LYS A 49 -10.21 2.53 -15.48
CA LYS A 49 -9.71 2.75 -14.14
C LYS A 49 -10.91 2.66 -13.19
N PRO A 50 -10.67 2.43 -11.89
CA PRO A 50 -9.40 2.11 -11.27
C PRO A 50 -9.18 0.58 -11.36
N GLY A 51 -8.23 0.06 -10.57
CA GLY A 51 -8.04 -1.41 -10.54
C GLY A 51 -9.29 -2.07 -10.01
N PHE A 52 -9.49 -3.28 -10.50
CA PHE A 52 -10.67 -4.11 -10.10
C PHE A 52 -10.66 -4.32 -8.59
N ALA A 53 -9.46 -4.53 -8.00
CA ALA A 53 -9.35 -4.73 -6.53
C ALA A 53 -9.61 -3.49 -5.73
N SER A 54 -9.82 -2.35 -6.45
CA SER A 54 -10.06 -1.07 -5.79
C SER A 54 -11.54 -0.65 -5.79
N ILE A 55 -12.38 -1.35 -6.52
CA ILE A 55 -13.81 -0.94 -6.57
C ILE A 55 -14.58 -1.65 -5.42
N GLN A 56 -15.75 -1.18 -5.01
CA GLN A 56 -16.48 -1.94 -3.94
C GLN A 56 -16.93 -3.33 -4.47
N PRO A 57 -16.73 -4.44 -3.68
CA PRO A 57 -17.16 -5.71 -4.27
C PRO A 57 -18.64 -6.01 -4.01
N ASN A 58 -19.51 -5.17 -4.59
CA ASN A 58 -20.94 -5.40 -4.64
C ASN A 58 -21.38 -5.56 -6.10
N SER A 59 -22.55 -6.14 -6.27
CA SER A 59 -23.11 -6.45 -7.57
CA SER A 59 -23.01 -6.46 -7.60
C SER A 59 -23.25 -5.21 -8.46
N VAL A 60 -23.69 -4.10 -7.87
CA VAL A 60 -24.00 -2.92 -8.67
C VAL A 60 -22.66 -2.38 -9.26
N THR A 61 -21.63 -2.27 -8.41
CA THR A 61 -20.37 -1.67 -8.80
C THR A 61 -19.57 -2.59 -9.78
N ILE A 62 -19.56 -3.88 -9.49
CA ILE A 62 -18.78 -4.79 -10.30
C ILE A 62 -19.51 -4.94 -11.66
N ASP A 63 -20.84 -5.05 -11.63
CA ASP A 63 -21.61 -5.14 -12.85
C ASP A 63 -21.33 -3.89 -13.75
N ALA A 64 -21.33 -2.66 -13.17
CA ALA A 64 -21.06 -1.44 -13.97
C ALA A 64 -19.63 -1.42 -14.54
N TYR A 65 -18.70 -1.94 -13.77
CA TYR A 65 -17.29 -1.92 -14.18
C TYR A 65 -17.09 -2.92 -15.34
N LEU A 66 -17.62 -4.14 -15.22
CA LEU A 66 -17.47 -5.09 -16.31
C LEU A 66 -18.25 -4.64 -17.55
N THR A 67 -19.44 -4.05 -17.39
CA THR A 67 -20.17 -3.52 -18.55
C THR A 67 -19.31 -2.43 -19.24
N MET A 68 -18.75 -1.54 -18.44
CA MET A 68 -17.88 -0.47 -18.98
CA MET A 68 -17.89 -0.47 -19.00
C MET A 68 -16.69 -1.09 -19.76
N LEU A 69 -16.10 -2.14 -19.21
CA LEU A 69 -14.93 -2.75 -19.83
C LEU A 69 -15.24 -3.54 -21.12
N LEU A 70 -16.40 -4.20 -21.14
CA LEU A 70 -16.67 -5.23 -22.16
C LEU A 70 -17.80 -4.96 -23.12
N ALA A 71 -18.84 -4.23 -22.72
CA ALA A 71 -20.09 -4.31 -23.51
C ALA A 71 -19.90 -3.78 -24.91
N ASP A 72 -19.09 -2.72 -25.06
CA ASP A 72 -18.93 -2.15 -26.39
C ASP A 72 -17.84 -2.83 -27.26
N ALA A 73 -17.29 -3.96 -26.81
CA ALA A 73 -16.30 -4.70 -27.62
C ALA A 73 -16.92 -5.09 -28.98
N PRO A 74 -16.13 -5.17 -30.07
CA PRO A 74 -16.74 -5.46 -31.37
C PRO A 74 -17.12 -6.91 -31.60
N ILE A 75 -16.57 -7.82 -30.78
CA ILE A 75 -16.89 -9.24 -30.89
C ILE A 75 -16.91 -9.81 -29.49
N HIS A 76 -17.98 -10.57 -29.18
CA HIS A 76 -18.19 -11.11 -27.83
C HIS A 76 -18.18 -12.64 -27.78
N ASN A 77 -18.40 -13.31 -28.89
CA ASN A 77 -18.58 -14.78 -28.83
C ASN A 77 -17.25 -15.54 -28.91
N ILE A 78 -16.36 -15.23 -27.95
CA ILE A 78 -14.98 -15.72 -27.96
C ILE A 78 -14.52 -16.03 -26.54
N PRO A 79 -13.46 -16.86 -26.40
CA PRO A 79 -12.91 -17.17 -25.06
C PRO A 79 -12.37 -15.89 -24.39
N VAL A 80 -12.61 -15.79 -23.10
CA VAL A 80 -12.12 -14.68 -22.31
C VAL A 80 -11.33 -15.17 -21.11
N TYR A 81 -10.16 -14.58 -20.87
CA TYR A 81 -9.38 -14.85 -19.62
C TYR A 81 -9.35 -13.53 -18.88
N PHE A 82 -9.78 -13.57 -17.63
CA PHE A 82 -9.69 -12.41 -16.74
C PHE A 82 -8.64 -12.75 -15.70
N TYR A 83 -7.45 -12.20 -15.88
CA TYR A 83 -6.36 -12.55 -14.97
C TYR A 83 -5.97 -11.35 -14.14
N ALA A 84 -6.18 -11.39 -12.82
CA ALA A 84 -5.80 -10.26 -11.95
C ALA A 84 -4.42 -10.48 -11.39
N THR A 85 -3.68 -9.41 -11.13
CA THR A 85 -2.30 -9.49 -10.72
C THR A 85 -2.15 -8.96 -9.31
N ALA A 86 -1.05 -8.20 -9.05
CA ALA A 86 -0.69 -7.91 -7.66
C ALA A 86 -1.75 -7.09 -6.87
N GLY A 87 -2.51 -6.22 -7.55
CA GLY A 87 -3.55 -5.51 -6.81
C GLY A 87 -4.46 -6.48 -6.06
N MET A 88 -4.90 -7.55 -6.74
CA MET A 88 -5.80 -8.52 -6.08
C MET A 88 -5.03 -9.39 -5.09
N ARG A 89 -3.74 -9.65 -5.36
CA ARG A 89 -2.94 -10.47 -4.43
C ARG A 89 -2.81 -9.83 -3.07
N LEU A 90 -2.97 -8.50 -2.97
CA LEU A 90 -2.88 -7.82 -1.67
C LEU A 90 -4.10 -8.02 -0.77
N LEU A 91 -5.21 -8.54 -1.32
CA LEU A 91 -6.46 -8.62 -0.55
C LEU A 91 -6.66 -9.94 0.20
N PRO A 92 -7.43 -9.89 1.31
CA PRO A 92 -7.86 -11.14 2.00
C PRO A 92 -8.52 -12.09 0.95
N GLN A 93 -8.37 -13.40 1.18
CA GLN A 93 -9.04 -14.39 0.35
C GLN A 93 -10.56 -14.15 0.28
N SER A 94 -11.17 -13.76 1.40
CA SER A 94 -12.66 -13.62 1.44
C SER A 94 -13.09 -12.55 0.48
N GLN A 95 -12.27 -11.48 0.43
CA GLN A 95 -12.58 -10.33 -0.43
CA GLN A 95 -12.59 -10.34 -0.41
C GLN A 95 -12.38 -10.72 -1.87
N GLN A 96 -11.29 -11.44 -2.16
CA GLN A 96 -11.07 -11.87 -3.57
C GLN A 96 -12.26 -12.76 -3.99
N LYS A 97 -12.72 -13.62 -3.09
CA LYS A 97 -13.80 -14.55 -3.40
C LYS A 97 -15.08 -13.76 -3.71
N LYS A 98 -15.30 -12.67 -2.97
CA LYS A 98 -16.49 -11.85 -3.25
C LYS A 98 -16.37 -11.24 -4.64
N TYR A 99 -15.20 -10.69 -5.00
CA TYR A 99 -15.06 -10.17 -6.38
C TYR A 99 -15.34 -11.23 -7.44
N TYR A 100 -14.72 -12.42 -7.29
CA TYR A 100 -14.89 -13.42 -8.33
C TYR A 100 -16.29 -14.03 -8.35
N ASP A 101 -16.93 -14.17 -7.19
CA ASP A 101 -18.32 -14.66 -7.18
C ASP A 101 -19.21 -13.70 -7.95
N GLU A 102 -19.02 -12.39 -7.76
CA GLU A 102 -19.89 -11.40 -8.46
CA GLU A 102 -19.87 -11.40 -8.39
C GLU A 102 -19.53 -11.35 -9.93
N LEU A 103 -18.25 -11.45 -10.26
CA LEU A 103 -17.84 -11.46 -11.67
C LEU A 103 -18.36 -12.74 -12.35
N ASP A 104 -18.32 -13.89 -11.65
CA ASP A 104 -18.79 -15.11 -12.26
C ASP A 104 -20.31 -14.96 -12.53
N TYR A 105 -21.02 -14.36 -11.57
CA TYR A 105 -22.47 -14.13 -11.73
C TYR A 105 -22.73 -13.25 -12.98
N TRP A 106 -21.99 -12.15 -13.08
CA TRP A 106 -22.11 -11.30 -14.24
C TRP A 106 -21.93 -12.07 -15.54
N PHE A 107 -20.85 -12.86 -15.66
CA PHE A 107 -20.67 -13.67 -16.86
C PHE A 107 -21.77 -14.72 -17.11
N ARG A 108 -22.37 -15.25 -16.05
CA ARG A 108 -23.49 -16.23 -16.20
C ARG A 108 -24.68 -15.55 -16.89
N GLN A 109 -24.75 -14.21 -16.82
CA GLN A 109 -25.85 -13.48 -17.53
C GLN A 109 -25.47 -13.07 -18.97
N GLN A 110 -24.22 -13.38 -19.38
CA GLN A 110 -23.75 -13.05 -20.71
C GLN A 110 -23.84 -14.30 -21.61
N SER A 111 -24.52 -14.16 -22.77
CA SER A 111 -24.82 -15.34 -23.59
C SER A 111 -23.76 -15.62 -24.65
N GLN A 112 -22.87 -14.64 -24.89
CA GLN A 112 -21.84 -14.76 -25.93
CA GLN A 112 -21.85 -14.73 -25.93
C GLN A 112 -20.44 -14.92 -25.36
N TRP A 113 -20.02 -14.04 -24.42
CA TRP A 113 -18.68 -14.18 -23.82
C TRP A 113 -18.49 -15.58 -23.31
N GLN A 114 -17.30 -16.17 -23.52
CA GLN A 114 -17.02 -17.51 -23.04
C GLN A 114 -15.97 -17.40 -21.97
N LEU A 115 -16.38 -17.26 -20.72
CA LEU A 115 -15.40 -17.06 -19.66
C LEU A 115 -14.61 -18.36 -19.39
N VAL A 116 -13.32 -18.35 -19.71
CA VAL A 116 -12.50 -19.54 -19.49
C VAL A 116 -12.08 -19.59 -18.02
N GLU A 117 -11.41 -18.55 -17.56
CA GLU A 117 -10.94 -18.47 -16.17
C GLU A 117 -11.00 -17.02 -15.78
N ALA A 118 -11.35 -16.80 -14.52
CA ALA A 118 -11.21 -15.49 -13.87
C ALA A 118 -10.63 -15.75 -12.50
N LYS A 119 -9.40 -15.26 -12.28
CA LYS A 119 -8.68 -15.59 -11.07
C LYS A 119 -7.50 -14.65 -10.90
N THR A 120 -6.92 -14.69 -9.72
CA THR A 120 -5.68 -13.99 -9.43
C THR A 120 -4.57 -14.99 -9.78
N ILE A 121 -3.72 -14.60 -10.70
CA ILE A 121 -2.57 -15.42 -11.06
C ILE A 121 -1.38 -15.14 -10.12
N THR A 122 -0.49 -16.12 -9.97
CA THR A 122 0.73 -15.84 -9.20
C THR A 122 1.64 -14.90 -9.92
N GLY A 123 2.48 -14.22 -9.15
CA GLY A 123 3.50 -13.34 -9.75
C GLY A 123 4.47 -14.17 -10.65
N ASN A 124 4.68 -15.46 -10.34
CA ASN A 124 5.50 -16.32 -11.22
C ASN A 124 4.84 -16.59 -12.59
N ASP A 125 3.50 -16.77 -12.60
CA ASP A 125 2.77 -16.93 -13.88
C ASP A 125 2.91 -15.59 -14.67
N GLU A 126 2.70 -14.48 -13.96
CA GLU A 126 2.75 -13.15 -14.59
C GLU A 126 4.16 -12.93 -15.24
N ALA A 127 5.22 -13.34 -14.53
CA ALA A 127 6.59 -13.27 -15.03
C ALA A 127 6.76 -14.14 -16.27
N LEU A 128 6.16 -15.34 -16.28
CA LEU A 128 6.23 -16.19 -17.48
C LEU A 128 5.56 -15.45 -18.64
N PHE A 129 4.34 -14.92 -18.41
CA PHE A 129 3.62 -14.26 -19.47
C PHE A 129 4.40 -12.99 -19.95
N ASP A 130 5.05 -12.27 -19.01
CA ASP A 130 5.89 -11.10 -19.31
C ASP A 130 6.93 -11.55 -20.35
N TRP A 131 7.65 -12.65 -20.07
CA TRP A 131 8.77 -13.04 -20.93
C TRP A 131 8.24 -13.46 -22.30
N LEU A 132 7.17 -14.28 -22.28
CA LEU A 132 6.61 -14.75 -23.56
C LEU A 132 6.13 -13.55 -24.43
N ALA A 133 5.43 -12.59 -23.82
CA ALA A 133 4.86 -11.47 -24.59
C ALA A 133 5.97 -10.66 -25.22
N VAL A 134 7.02 -10.32 -24.44
CA VAL A 134 8.10 -9.44 -24.97
C VAL A 134 8.88 -10.21 -26.04
N ASN A 135 9.20 -11.48 -25.77
CA ASN A 135 9.93 -12.23 -26.77
C ASN A 135 9.11 -12.49 -28.05
N TYR A 136 7.79 -12.65 -27.92
CA TYR A 136 6.97 -12.77 -29.10
C TYR A 136 7.12 -11.51 -29.99
N LYS A 137 6.98 -10.35 -29.35
CA LYS A 137 7.12 -9.04 -30.04
C LYS A 137 8.51 -8.82 -30.64
N LEU A 138 9.52 -9.32 -29.96
CA LEU A 138 10.90 -9.18 -30.45
C LEU A 138 11.24 -10.18 -31.55
N ASP A 139 10.35 -11.13 -31.75
CA ASP A 139 10.51 -12.21 -32.72
C ASP A 139 11.68 -13.13 -32.36
N THR A 140 11.85 -13.41 -31.07
CA THR A 140 12.98 -14.24 -30.63
C THR A 140 12.58 -15.67 -30.25
N LEU A 141 11.30 -16.00 -30.35
CA LEU A 141 10.82 -17.33 -29.96
C LEU A 141 10.90 -18.45 -31.01
N LYS A 142 10.81 -18.08 -32.29
CA LYS A 142 10.73 -19.08 -33.38
C LYS A 142 11.99 -19.94 -33.47
N SER A 143 13.12 -19.37 -33.05
CA SER A 143 14.41 -20.07 -33.13
C SER A 143 15.28 -19.86 -31.88
N VAL A 144 16.19 -20.83 -31.66
CA VAL A 144 17.12 -20.87 -30.51
C VAL A 144 18.03 -19.65 -30.57
N GLN A 145 18.19 -18.94 -29.44
CA GLN A 145 18.91 -17.68 -29.47
C GLN A 145 20.41 -17.74 -29.11
N ASN A 146 21.18 -17.02 -29.95
CA ASN A 146 22.54 -16.55 -29.69
C ASN A 146 22.66 -15.89 -28.29
N LYS A 147 21.65 -15.12 -27.92
CA LYS A 147 21.78 -14.26 -26.76
C LYS A 147 20.68 -14.48 -25.72
N SER A 148 20.99 -14.19 -24.47
CA SER A 148 20.03 -14.31 -23.38
C SER A 148 19.24 -13.01 -23.25
N VAL A 149 17.91 -13.13 -23.34
CA VAL A 149 16.96 -11.99 -23.24
C VAL A 149 16.29 -12.03 -21.89
N GLY A 150 16.49 -11.00 -21.09
CA GLY A 150 15.83 -10.91 -19.78
C GLY A 150 14.70 -9.90 -19.84
N VAL A 151 13.68 -10.12 -19.05
CA VAL A 151 12.55 -9.17 -19.05
C VAL A 151 12.23 -8.75 -17.63
N MET A 152 11.93 -7.45 -17.46
CA MET A 152 11.46 -6.91 -16.20
C MET A 152 10.12 -6.29 -16.47
N ASP A 153 9.23 -6.45 -15.52
CA ASP A 153 7.93 -5.79 -15.56
C ASP A 153 7.77 -5.00 -14.26
N MET A 154 7.65 -3.69 -14.43
CA MET A 154 7.64 -2.72 -13.32
C MET A 154 6.23 -2.29 -13.05
N GLY A 155 5.51 -3.03 -12.22
CA GLY A 155 4.11 -2.71 -11.91
C GLY A 155 3.88 -1.82 -10.74
N GLY A 156 2.62 -1.59 -10.40
CA GLY A 156 2.25 -0.73 -9.28
C GLY A 156 2.38 -1.42 -7.94
N ALA A 157 2.20 -2.74 -7.91
CA ALA A 157 2.22 -3.46 -6.61
C ALA A 157 3.32 -4.55 -6.52
N SER A 158 3.58 -5.21 -7.67
CA SER A 158 4.71 -6.12 -7.73
C SER A 158 5.61 -5.75 -8.88
N VAL A 159 6.81 -6.31 -8.87
CA VAL A 159 7.71 -6.26 -10.05
C VAL A 159 8.15 -7.68 -10.36
N GLN A 160 8.31 -8.00 -11.64
CA GLN A 160 8.71 -9.33 -12.08
C GLN A 160 10.07 -9.25 -12.74
N ILE A 161 10.87 -10.31 -12.59
CA ILE A 161 12.09 -10.49 -13.34
C ILE A 161 12.06 -11.91 -13.87
N VAL A 162 12.54 -12.10 -15.09
CA VAL A 162 12.49 -13.42 -15.70
C VAL A 162 13.62 -13.50 -16.74
N PHE A 163 14.35 -14.61 -16.75
CA PHE A 163 15.48 -14.74 -17.69
C PHE A 163 15.81 -16.23 -17.87
N PRO A 164 16.47 -16.57 -18.99
CA PRO A 164 16.83 -17.99 -19.22
C PRO A 164 17.74 -18.53 -18.14
N MET A 165 17.44 -19.73 -17.69
CA MET A 165 18.33 -20.38 -16.75
C MET A 165 18.07 -21.86 -16.86
N PRO A 166 19.11 -22.70 -17.03
CA PRO A 166 18.92 -24.15 -17.04
C PRO A 166 18.30 -24.64 -15.73
N LYS A 167 17.53 -25.72 -15.77
CA LYS A 167 16.92 -26.29 -14.56
C LYS A 167 17.94 -26.39 -13.46
N ASN A 168 17.54 -26.02 -12.26
CA ASN A 168 18.42 -26.03 -11.14
C ASN A 168 17.65 -26.60 -9.98
N ALA A 169 18.02 -27.80 -9.60
CA ALA A 169 17.24 -28.53 -8.60
C ALA A 169 17.44 -27.96 -7.18
N GLU A 170 18.36 -27.03 -7.03
CA GLU A 170 18.54 -26.34 -5.75
C GLU A 170 17.58 -25.14 -5.57
N ILE A 171 16.93 -24.74 -6.65
CA ILE A 171 16.02 -23.60 -6.62
C ILE A 171 14.60 -24.12 -6.61
N SER A 172 13.71 -23.47 -5.89
CA SER A 172 12.26 -23.89 -5.86
C SER A 172 11.71 -24.16 -7.24
N LYS A 173 10.90 -25.20 -7.38
CA LYS A 173 10.15 -25.46 -8.63
C LYS A 173 9.24 -24.29 -9.02
N HIS A 174 8.78 -23.49 -8.05
CA HIS A 174 7.83 -22.40 -8.33
C HIS A 174 8.53 -21.26 -9.12
N ASN A 175 9.87 -21.20 -8.99
CA ASN A 175 10.64 -20.11 -9.65
C ASN A 175 11.26 -20.56 -10.97
N GLN A 176 10.85 -21.73 -11.49
CA GLN A 176 11.41 -22.17 -12.75
C GLN A 176 10.31 -22.67 -13.66
N VAL A 177 10.49 -22.47 -14.95
CA VAL A 177 9.49 -22.96 -15.93
C VAL A 177 10.20 -23.55 -17.10
N GLU A 178 9.78 -24.75 -17.50
CA GLU A 178 10.25 -25.38 -18.71
C GLU A 178 9.08 -25.36 -19.71
N LEU A 179 9.32 -24.88 -20.92
CA LEU A 179 8.33 -25.02 -21.92
C LEU A 179 8.89 -25.33 -23.28
N ASN A 180 7.99 -25.76 -24.15
CA ASN A 180 8.33 -26.17 -25.48
C ASN A 180 7.45 -25.34 -26.36
N ILE A 181 8.07 -24.47 -27.15
CA ILE A 181 7.32 -23.59 -28.05
C ILE A 181 8.09 -23.45 -29.37
N TYR A 182 7.36 -23.56 -30.47
CA TYR A 182 7.90 -23.50 -31.83
C TYR A 182 9.09 -24.43 -32.02
N GLY A 183 9.03 -25.61 -31.42
CA GLY A 183 10.11 -26.59 -31.63
C GLY A 183 11.34 -26.44 -30.75
N GLN A 184 11.35 -25.43 -29.88
CA GLN A 184 12.47 -25.27 -28.98
C GLN A 184 12.11 -25.39 -27.48
N ASN A 185 13.06 -25.93 -26.75
CA ASN A 185 12.92 -26.15 -25.32
C ASN A 185 13.58 -24.94 -24.61
N ILE A 186 12.80 -24.28 -23.75
CA ILE A 186 13.24 -23.08 -23.08
C ILE A 186 13.04 -23.28 -21.58
N ASN A 187 14.06 -22.94 -20.79
CA ASN A 187 14.01 -23.01 -19.34
C ASN A 187 14.24 -21.63 -18.77
N LEU A 188 13.29 -21.17 -17.95
CA LEU A 188 13.33 -19.79 -17.43
C LEU A 188 13.32 -19.77 -15.92
N TYR A 189 14.03 -18.80 -15.35
CA TYR A 189 13.87 -18.44 -13.95
C TYR A 189 12.86 -17.31 -13.88
N VAL A 190 11.90 -17.41 -12.95
CA VAL A 190 10.84 -16.39 -12.79
C VAL A 190 10.73 -16.00 -11.32
N HIS A 191 10.53 -14.70 -11.08
CA HIS A 191 10.33 -14.25 -9.71
C HIS A 191 9.53 -12.98 -9.74
N SER A 192 8.65 -12.84 -8.76
CA SER A 192 7.89 -11.60 -8.59
C SER A 192 8.08 -11.16 -7.16
N PHE A 193 8.25 -9.85 -6.96
CA PHE A 193 8.44 -9.32 -5.62
C PHE A 193 7.24 -8.47 -5.23
N LEU A 194 6.34 -9.05 -4.45
CA LEU A 194 5.12 -8.38 -4.05
C LEU A 194 5.44 -7.28 -2.99
N GLY A 195 4.91 -6.07 -3.22
CA GLY A 195 5.23 -4.97 -2.34
C GLY A 195 6.28 -4.03 -2.95
N LEU A 196 7.00 -4.49 -3.99
CA LEU A 196 8.09 -3.68 -4.55
C LEU A 196 7.62 -2.96 -5.85
N GLY A 197 6.34 -3.10 -6.26
CA GLY A 197 5.78 -2.18 -7.29
C GLY A 197 5.79 -0.74 -6.82
N GLN A 198 5.66 0.18 -7.77
CA GLN A 198 5.95 1.58 -7.45
C GLN A 198 4.98 2.18 -6.45
N THR A 199 3.70 1.76 -6.47
CA THR A 199 2.75 2.38 -5.55
C THR A 199 3.03 1.93 -4.11
N GLU A 200 3.16 0.59 -3.95
CA GLU A 200 3.39 0.03 -2.63
C GLU A 200 4.73 0.46 -2.08
N MET A 201 5.79 0.45 -2.90
CA MET A 201 7.13 0.88 -2.42
C MET A 201 7.03 2.34 -1.94
N SER A 202 6.33 3.19 -2.72
CA SER A 202 6.40 4.66 -2.45
C SER A 202 5.82 4.95 -1.09
N HIS A 203 4.86 4.09 -0.64
CA HIS A 203 4.17 4.36 0.65
C HIS A 203 5.10 4.20 1.87
N GLN A 204 6.33 3.74 1.62
CA GLN A 204 7.37 3.63 2.66
C GLN A 204 8.30 4.85 2.74
N PHE A 205 8.18 5.79 1.80
CA PHE A 205 9.18 6.86 1.63
C PHE A 205 8.57 8.20 1.46
N LEU A 206 7.29 8.35 1.76
CA LEU A 206 6.66 9.65 1.45
C LEU A 206 7.13 10.81 2.36
N ASN A 207 7.67 10.51 3.54
CA ASN A 207 8.22 11.53 4.40
C ASN A 207 9.73 11.55 4.35
N SER A 208 10.32 11.01 3.30
CA SER A 208 11.79 11.05 3.13
C SER A 208 12.15 12.31 2.28
N PRO A 209 12.70 13.37 2.92
CA PRO A 209 13.01 14.57 2.12
C PRO A 209 13.95 14.31 0.96
N SER A 210 14.89 13.36 1.06
CA SER A 210 15.84 13.13 -0.07
C SER A 210 15.11 12.61 -1.28
N CYS A 211 13.85 12.10 -1.10
CA CYS A 211 13.16 11.47 -2.23
C CYS A 211 12.23 12.39 -2.99
N PHE A 212 12.23 13.70 -2.67
CA PHE A 212 11.29 14.69 -3.27
C PHE A 212 12.04 15.95 -3.63
N ALA A 213 11.54 16.63 -4.66
CA ALA A 213 12.12 17.90 -5.14
C ALA A 213 12.13 18.91 -4.00
N ASN A 214 13.09 19.83 -4.06
CA ASN A 214 13.18 20.88 -3.05
C ASN A 214 11.85 21.57 -2.82
N ASP A 215 11.46 21.65 -1.55
CA ASP A 215 10.25 22.37 -1.12
C ASP A 215 8.96 21.69 -1.46
N TYR A 216 9.03 20.46 -1.99
CA TYR A 216 7.79 19.70 -2.17
C TYR A 216 7.20 19.50 -0.76
N PRO A 217 5.89 19.74 -0.56
CA PRO A 217 5.34 19.61 0.81
C PRO A 217 5.07 18.12 1.14
N LEU A 218 5.88 17.62 2.04
CA LEU A 218 5.72 16.22 2.48
C LEU A 218 4.47 16.11 3.40
N PRO A 219 3.90 14.90 3.54
CA PRO A 219 2.69 14.76 4.39
C PRO A 219 2.89 15.24 5.83
N ASP A 220 4.11 15.05 6.37
CA ASP A 220 4.41 15.43 7.77
C ASP A 220 4.61 16.91 7.98
N GLY A 221 4.50 17.72 6.92
CA GLY A 221 4.64 19.18 7.08
C GLY A 221 6.06 19.66 6.82
N GLU A 222 7.00 18.73 6.63
CA GLU A 222 8.38 19.14 6.26
C GLU A 222 8.50 19.27 4.73
N SER A 223 9.67 19.72 4.28
CA SER A 223 9.89 20.04 2.89
C SER A 223 10.80 19.05 2.21
N GLY A 224 10.54 18.77 0.95
CA GLY A 224 11.49 18.02 0.13
C GLY A 224 12.85 18.66 0.09
N GLN A 225 13.87 17.83 -0.02
CA GLN A 225 15.24 18.31 -0.17
CA GLN A 225 15.22 18.29 -0.16
C GLN A 225 15.98 17.22 -0.95
N GLY A 226 15.73 17.18 -2.24
CA GLY A 226 15.95 15.96 -3.06
C GLY A 226 17.43 15.63 -3.18
N ASN A 227 17.72 14.35 -3.21
CA ASN A 227 19.11 13.87 -3.40
C ASN A 227 19.00 12.40 -3.81
N ALA A 228 19.14 12.15 -5.10
CA ALA A 228 18.81 10.85 -5.65
C ALA A 228 19.74 9.75 -5.07
N PRO A 229 21.04 9.98 -4.97
CA PRO A 229 21.86 8.94 -4.32
C PRO A 229 21.40 8.59 -2.91
N SER A 230 21.04 9.60 -2.11
CA SER A 230 20.56 9.34 -0.74
CA SER A 230 20.55 9.39 -0.76
C SER A 230 19.21 8.63 -0.75
N CYS A 231 18.28 9.07 -1.58
CA CYS A 231 16.98 8.38 -1.68
C CYS A 231 17.21 6.90 -2.10
N LYS A 232 18.03 6.71 -3.11
CA LYS A 232 18.41 5.39 -3.61
C LYS A 232 18.86 4.48 -2.46
N GLU A 233 19.70 5.00 -1.55
CA GLU A 233 20.19 4.18 -0.44
C GLU A 233 19.04 3.76 0.47
N GLU A 234 18.07 4.66 0.67
CA GLU A 234 16.94 4.32 1.51
C GLU A 234 16.12 3.22 0.83
N VAL A 235 15.88 3.35 -0.46
CA VAL A 235 15.04 2.36 -1.15
C VAL A 235 15.77 1.01 -1.19
N THR A 236 17.10 1.04 -1.32
CA THR A 236 17.90 -0.16 -1.35
C THR A 236 17.68 -0.95 -0.04
N SER A 237 17.49 -0.29 1.11
CA SER A 237 17.24 -1.04 2.36
CA SER A 237 17.23 -1.01 2.37
C SER A 237 15.93 -1.83 2.27
N LEU A 238 14.91 -1.30 1.59
CA LEU A 238 13.69 -2.06 1.36
C LEU A 238 13.97 -3.24 0.41
N MET A 239 14.75 -3.02 -0.65
CA MET A 239 15.08 -4.04 -1.65
CA MET A 239 14.95 -4.09 -1.61
C MET A 239 15.79 -5.24 -0.99
N ASN A 240 16.80 -4.91 -0.18
CA ASN A 240 17.77 -5.88 0.27
C ASN A 240 17.63 -6.29 1.74
N SER A 241 17.57 -5.32 2.64
CA SER A 241 17.44 -5.68 4.08
C SER A 241 16.08 -6.35 4.31
N VAL A 242 15.05 -5.86 3.65
CA VAL A 242 13.74 -6.44 3.79
C VAL A 242 13.50 -7.63 2.82
N HIS A 243 13.51 -7.36 1.51
CA HIS A 243 13.10 -8.38 0.53
C HIS A 243 14.22 -9.32 0.10
N LYS A 244 15.48 -9.01 0.46
CA LYS A 244 16.64 -9.87 0.07
C LYS A 244 16.68 -10.07 -1.43
N VAL A 245 16.33 -9.05 -2.20
CA VAL A 245 16.42 -9.18 -3.68
C VAL A 245 17.84 -9.55 -4.13
N ASN A 246 18.88 -8.86 -3.61
CA ASN A 246 20.26 -9.11 -4.02
CA ASN A 246 20.22 -9.11 -4.10
C ASN A 246 20.69 -10.54 -3.81
N GLN A 247 20.38 -11.05 -2.62
CA GLN A 247 20.80 -12.40 -2.25
C GLN A 247 20.13 -13.44 -3.14
N GLN A 248 18.88 -13.15 -3.55
CA GLN A 248 18.14 -14.12 -4.35
C GLN A 248 18.52 -14.08 -5.83
N ILE A 249 18.69 -12.87 -6.36
CA ILE A 249 18.85 -12.65 -7.82
C ILE A 249 20.30 -12.60 -8.26
N GLN A 250 21.16 -11.89 -7.53
CA GLN A 250 22.53 -11.62 -8.03
CA GLN A 250 22.49 -11.64 -8.07
C GLN A 250 23.31 -12.90 -8.34
N PRO A 251 23.30 -13.90 -7.40
CA PRO A 251 24.06 -15.12 -7.70
C PRO A 251 23.60 -15.84 -8.98
N LEU A 252 22.30 -15.75 -9.29
CA LEU A 252 21.73 -16.43 -10.46
C LEU A 252 22.14 -15.72 -11.75
N LEU A 253 22.08 -14.39 -11.74
CA LEU A 253 22.48 -13.64 -12.95
C LEU A 253 23.98 -13.76 -13.17
N ALA A 254 24.74 -13.86 -12.09
CA ALA A 254 26.21 -14.05 -12.20
C ALA A 254 26.53 -15.33 -13.01
N LEU A 255 25.75 -16.37 -12.78
CA LEU A 255 25.97 -17.67 -13.41
C LEU A 255 25.25 -17.79 -14.78
N ASN A 256 24.27 -16.90 -15.02
CA ASN A 256 23.37 -16.97 -16.18
C ASN A 256 23.22 -15.58 -16.77
N PRO A 257 24.32 -15.01 -17.30
CA PRO A 257 24.21 -13.61 -17.67
C PRO A 257 23.18 -13.33 -18.76
N VAL A 258 22.54 -12.17 -18.63
CA VAL A 258 21.61 -11.66 -19.63
C VAL A 258 22.35 -10.70 -20.55
N ASN A 259 22.24 -10.93 -21.86
CA ASN A 259 22.81 -10.06 -22.87
C ASN A 259 21.96 -8.84 -23.21
N GLU A 260 20.62 -8.96 -23.17
CA GLU A 260 19.76 -7.82 -23.51
C GLU A 260 18.64 -7.77 -22.51
N TRP A 261 18.46 -6.63 -21.88
CA TRP A 261 17.36 -6.37 -20.93
C TRP A 261 16.26 -5.59 -21.58
N TYR A 262 15.01 -6.05 -21.43
CA TYR A 262 13.83 -5.31 -21.81
C TYR A 262 12.97 -5.10 -20.60
N SER A 263 12.34 -3.94 -20.56
CA SER A 263 11.41 -3.62 -19.48
CA SER A 263 11.40 -3.64 -19.47
C SER A 263 10.07 -3.18 -20.04
N ILE A 264 9.01 -3.61 -19.38
CA ILE A 264 7.64 -3.16 -19.59
C ILE A 264 7.09 -2.63 -18.26
N GLY A 265 5.93 -2.01 -18.30
CA GLY A 265 5.40 -1.35 -17.13
C GLY A 265 5.84 0.08 -17.01
N GLY A 266 6.13 0.51 -15.78
CA GLY A 266 6.18 1.95 -15.43
C GLY A 266 7.45 2.70 -15.82
N ILE A 267 8.54 2.00 -16.17
CA ILE A 267 9.79 2.70 -16.57
C ILE A 267 9.50 3.54 -17.82
N SER A 268 8.67 3.03 -18.73
CA SER A 268 8.38 3.74 -19.98
C SER A 268 7.76 5.09 -19.69
N ASN A 269 6.84 5.14 -18.72
CA ASN A 269 6.13 6.38 -18.43
C ASN A 269 7.12 7.41 -17.86
N LEU A 270 7.94 6.98 -16.91
N LEU A 270 7.93 6.98 -16.90
CA LEU A 270 8.93 7.89 -16.33
CA LEU A 270 8.94 7.87 -16.30
C LEU A 270 9.93 8.38 -17.38
C LEU A 270 10.02 8.35 -17.27
N ALA A 271 10.49 7.45 -18.13
CA ALA A 271 11.62 7.77 -19.01
C ALA A 271 11.21 8.65 -20.18
N SER A 272 9.90 8.72 -20.45
CA SER A 272 9.36 9.54 -21.51
C SER A 272 9.23 11.01 -21.12
N SER A 273 9.40 11.33 -19.82
CA SER A 273 9.40 12.72 -19.40
C SER A 273 10.48 13.53 -20.18
N GLN A 274 10.20 14.80 -20.50
CA GLN A 274 11.17 15.70 -21.14
C GLN A 274 12.30 16.11 -20.19
N LEU A 275 12.20 15.72 -18.89
CA LEU A 275 13.27 15.95 -17.95
C LEU A 275 14.49 15.04 -18.27
N PHE A 276 14.25 13.96 -19.02
CA PHE A 276 15.29 13.01 -19.36
C PHE A 276 15.76 13.12 -20.79
N HIS A 277 17.01 12.71 -21.00
CA HIS A 277 17.59 12.67 -22.37
C HIS A 277 17.95 11.22 -22.62
N PHE A 278 17.04 10.48 -23.25
CA PHE A 278 17.27 9.10 -23.66
C PHE A 278 16.92 9.00 -25.13
N GLU A 279 17.64 8.18 -25.89
CA GLU A 279 17.35 7.91 -27.31
CA GLU A 279 17.23 7.94 -27.28
C GLU A 279 17.09 6.43 -27.52
N ASN A 280 16.41 6.10 -28.63
CA ASN A 280 16.23 4.75 -29.08
C ASN A 280 15.44 3.93 -28.05
N SER A 281 14.61 4.59 -27.25
CA SER A 281 13.78 3.89 -26.27
CA SER A 281 13.79 3.87 -26.31
C SER A 281 14.64 2.99 -25.37
N GLU A 282 15.76 3.52 -24.93
CA GLU A 282 16.64 2.78 -24.02
C GLU A 282 17.32 3.75 -23.04
N LEU A 283 17.67 3.25 -21.88
CA LEU A 283 18.35 4.08 -20.88
C LEU A 283 19.45 3.25 -20.22
N THR A 284 20.22 3.89 -19.37
CA THR A 284 21.09 3.17 -18.46
C THR A 284 20.73 3.60 -17.07
N ASN A 285 20.98 2.74 -16.09
CA ASN A 285 20.67 3.14 -14.71
C ASN A 285 21.54 4.33 -14.25
N GLN A 286 22.82 4.33 -14.58
CA GLN A 286 23.61 5.49 -14.22
CA GLN A 286 23.72 5.49 -14.35
C GLN A 286 23.04 6.79 -14.80
N SER A 287 22.60 6.80 -16.08
CA SER A 287 22.05 8.06 -16.66
C SER A 287 20.70 8.42 -16.00
N LEU A 288 19.89 7.39 -15.70
CA LEU A 288 18.60 7.63 -15.04
C LEU A 288 18.78 8.31 -13.67
N LEU A 289 19.70 7.81 -12.88
CA LEU A 289 19.92 8.34 -11.54
C LEU A 289 20.50 9.75 -11.59
N GLN A 290 21.50 9.93 -12.46
CA GLN A 290 22.20 11.23 -12.59
CA GLN A 290 22.20 11.25 -12.60
C GLN A 290 21.22 12.33 -13.08
N GLN A 291 20.46 12.00 -14.13
CA GLN A 291 19.49 12.97 -14.70
C GLN A 291 18.41 13.26 -13.71
N GLY A 292 17.89 12.23 -13.06
CA GLY A 292 16.88 12.45 -12.01
C GLY A 292 17.43 13.32 -10.89
N ASP A 293 18.68 13.07 -10.48
CA ASP A 293 19.23 13.86 -9.39
C ASP A 293 19.35 15.32 -9.82
N ASN A 294 19.92 15.54 -11.03
CA ASN A 294 20.29 16.91 -11.46
C ASN A 294 19.07 17.74 -11.90
N GLN A 295 18.15 17.15 -12.65
CA GLN A 295 17.03 17.85 -13.24
C GLN A 295 15.76 17.84 -12.39
N ILE A 296 15.68 16.96 -11.38
CA ILE A 296 14.44 16.73 -10.66
C ILE A 296 14.64 16.89 -9.17
N CYS A 297 15.45 16.02 -8.56
CA CYS A 297 15.61 16.06 -7.13
C CYS A 297 16.07 17.44 -6.62
N HIS A 298 17.03 18.05 -7.35
CA HIS A 298 17.63 19.30 -6.92
C HIS A 298 16.93 20.55 -7.47
N GLN A 299 15.76 20.37 -8.09
CA GLN A 299 15.06 21.52 -8.60
CA GLN A 299 14.98 21.49 -8.65
C GLN A 299 13.94 21.93 -7.63
N GLN A 300 13.47 23.17 -7.75
CA GLN A 300 12.41 23.66 -6.89
CA GLN A 300 12.39 23.66 -6.86
C GLN A 300 11.07 23.08 -7.34
N TRP A 301 10.31 22.55 -6.38
CA TRP A 301 9.05 21.89 -6.72
C TRP A 301 8.08 22.77 -7.53
N ASP A 302 7.83 23.99 -7.07
CA ASP A 302 6.87 24.84 -7.75
CA ASP A 302 6.83 24.78 -7.78
C ASP A 302 7.30 25.07 -9.22
N ILE A 303 8.60 25.27 -9.43
CA ILE A 303 9.10 25.46 -10.79
C ILE A 303 8.88 24.20 -11.63
N LEU A 304 9.31 23.04 -11.10
CA LEU A 304 9.09 21.74 -11.83
C LEU A 304 7.62 21.56 -12.19
N ASN A 305 6.74 21.74 -11.18
CA ASN A 305 5.32 21.50 -11.34
C ASN A 305 4.74 22.32 -12.51
N GLY A 306 5.08 23.59 -12.56
CA GLY A 306 4.57 24.43 -13.62
C GLY A 306 5.21 24.17 -14.97
N GLN A 307 6.46 23.73 -14.95
CA GLN A 307 7.25 23.58 -16.18
C GLN A 307 6.89 22.30 -16.98
N TYR A 308 6.40 21.22 -16.30
CA TYR A 308 6.07 19.89 -16.89
C TYR A 308 4.63 19.54 -16.53
N PRO A 309 3.66 20.31 -17.05
CA PRO A 309 2.26 20.17 -16.58
C PRO A 309 1.59 18.88 -17.06
N ASP A 310 2.12 18.23 -18.09
CA ASP A 310 1.50 16.94 -18.54
C ASP A 310 2.12 15.70 -17.90
N ASP A 311 3.07 15.88 -16.98
CA ASP A 311 3.80 14.74 -16.46
C ASP A 311 3.06 14.13 -15.26
N GLU A 312 2.47 12.96 -15.50
CA GLU A 312 1.69 12.28 -14.45
C GLU A 312 2.63 11.76 -13.35
N TYR A 313 2.30 12.09 -12.09
CA TYR A 313 3.08 11.76 -10.91
C TYR A 313 4.49 12.37 -10.95
N LEU A 314 4.62 13.48 -11.64
CA LEU A 314 5.86 14.28 -11.60
C LEU A 314 6.42 14.41 -10.18
N TYR A 315 5.56 14.62 -9.15
CA TYR A 315 6.07 14.78 -7.80
C TYR A 315 6.87 13.56 -7.29
N GLN A 316 6.65 12.39 -7.91
CA GLN A 316 7.41 11.19 -7.53
C GLN A 316 8.64 10.94 -8.43
N TYR A 317 8.95 11.77 -9.44
CA TYR A 317 10.03 11.37 -10.36
C TYR A 317 11.42 11.30 -9.70
N CYS A 318 11.71 12.12 -8.68
CA CYS A 318 12.97 11.96 -7.93
C CYS A 318 13.01 10.58 -7.24
N LEU A 319 11.90 10.25 -6.60
CA LEU A 319 11.77 8.92 -5.91
C LEU A 319 11.86 7.78 -6.93
N LEU A 320 11.17 7.90 -8.07
CA LEU A 320 11.08 6.74 -8.99
C LEU A 320 12.45 6.52 -9.67
N SER A 321 13.16 7.63 -10.06
CA SER A 321 14.51 7.51 -10.61
CA SER A 321 14.48 7.42 -10.67
C SER A 321 15.38 6.72 -9.65
N SER A 322 15.29 7.10 -8.36
CA SER A 322 16.14 6.48 -7.33
C SER A 322 15.74 5.01 -7.07
N TYR A 323 14.42 4.80 -7.07
CA TYR A 323 13.90 3.43 -6.84
C TYR A 323 14.26 2.50 -7.98
N TYR A 324 14.11 2.91 -9.22
CA TYR A 324 14.44 1.99 -10.31
C TYR A 324 15.93 1.60 -10.24
N TYR A 325 16.79 2.57 -9.94
CA TYR A 325 18.20 2.24 -9.78
C TYR A 325 18.45 1.29 -8.60
N ALA A 326 17.81 1.57 -7.45
CA ALA A 326 17.92 0.67 -6.30
C ALA A 326 17.52 -0.75 -6.72
N LEU A 327 16.38 -0.88 -7.39
CA LEU A 327 15.86 -2.20 -7.78
C LEU A 327 16.82 -2.87 -8.73
N MET A 328 17.14 -2.23 -9.85
CA MET A 328 17.91 -2.89 -10.90
C MET A 328 19.40 -3.08 -10.58
N VAL A 329 20.01 -2.05 -9.99
CA VAL A 329 21.44 -2.08 -9.70
C VAL A 329 21.71 -2.76 -8.34
N ASP A 330 21.18 -2.16 -7.28
CA ASP A 330 21.45 -2.67 -5.95
C ASP A 330 20.71 -3.98 -5.65
N GLY A 331 19.55 -4.14 -6.29
CA GLY A 331 18.82 -5.39 -6.10
C GLY A 331 19.26 -6.45 -7.10
N TYR A 332 18.94 -6.25 -8.38
CA TYR A 332 19.27 -7.27 -9.37
C TYR A 332 20.75 -7.39 -9.71
N GLY A 333 21.53 -6.36 -9.35
CA GLY A 333 22.97 -6.40 -9.69
C GLY A 333 23.34 -6.05 -11.12
N ILE A 334 22.41 -5.42 -11.84
CA ILE A 334 22.68 -4.97 -13.21
C ILE A 334 23.71 -3.83 -13.15
N ASN A 335 24.67 -3.88 -14.06
CA ASN A 335 25.67 -2.81 -14.11
C ASN A 335 24.99 -1.48 -14.47
N PRO A 336 25.30 -0.39 -13.74
CA PRO A 336 24.71 0.94 -14.08
C PRO A 336 24.90 1.41 -15.54
N ASN A 337 25.93 0.92 -16.24
CA ASN A 337 26.18 1.32 -17.62
C ASN A 337 25.53 0.36 -18.65
N GLN A 338 24.85 -0.69 -18.20
CA GLN A 338 24.16 -1.61 -19.14
C GLN A 338 22.84 -0.99 -19.69
N THR A 339 22.62 -1.15 -20.99
CA THR A 339 21.42 -0.62 -21.64
C THR A 339 20.22 -1.41 -21.12
N ILE A 340 19.14 -0.69 -20.81
CA ILE A 340 17.83 -1.29 -20.51
C ILE A 340 16.88 -0.77 -21.57
N HIS A 341 16.32 -1.64 -22.39
CA HIS A 341 15.36 -1.20 -23.39
C HIS A 341 14.01 -1.08 -22.68
N TYR A 342 13.28 -0.02 -22.99
CA TYR A 342 11.88 0.07 -22.56
C TYR A 342 11.00 0.12 -23.76
N ILE A 343 9.90 -0.60 -23.68
CA ILE A 343 9.02 -0.63 -24.83
C ILE A 343 8.33 0.76 -24.85
N PRO A 344 8.33 1.47 -26.01
CA PRO A 344 7.74 2.79 -26.09
C PRO A 344 6.34 2.84 -25.44
N PRO A 345 6.04 3.93 -24.71
CA PRO A 345 4.85 3.92 -23.85
C PRO A 345 3.56 3.80 -24.68
N GLU A 346 3.55 4.39 -25.90
CA GLU A 346 2.41 4.32 -26.85
C GLU A 346 1.86 2.93 -27.12
N GLN A 347 2.71 1.90 -26.96
CA GLN A 347 2.32 0.53 -27.24
C GLN A 347 1.52 -0.08 -26.11
N ASN A 348 1.72 0.48 -24.91
CA ASN A 348 1.11 -0.02 -23.72
C ASN A 348 1.28 -1.55 -23.65
N LEU A 349 2.48 -2.05 -24.02
CA LEU A 349 2.74 -3.53 -24.06
C LEU A 349 2.66 -4.10 -22.66
N ASP A 350 1.81 -5.14 -22.50
CA ASP A 350 1.72 -5.87 -21.23
C ASP A 350 1.96 -7.37 -21.52
N TRP A 351 1.69 -8.23 -20.53
CA TRP A 351 1.99 -9.66 -20.63
C TRP A 351 0.92 -10.47 -21.37
N THR A 352 -0.14 -9.83 -21.86
CA THR A 352 -1.31 -10.59 -22.28
C THR A 352 -1.06 -11.53 -23.47
N ILE A 353 -0.17 -11.21 -24.37
CA ILE A 353 0.12 -12.12 -25.47
C ILE A 353 0.68 -13.47 -24.91
N GLY A 354 1.30 -13.40 -23.74
CA GLY A 354 1.77 -14.62 -23.08
C GLY A 354 0.70 -15.63 -22.84
N VAL A 355 -0.51 -15.17 -22.54
CA VAL A 355 -1.67 -16.07 -22.28
C VAL A 355 -2.05 -16.72 -23.60
N VAL A 356 -2.12 -15.93 -24.69
CA VAL A 356 -2.50 -16.47 -26.01
C VAL A 356 -1.59 -17.66 -26.38
N LEU A 357 -0.30 -17.51 -26.18
CA LEU A 357 0.67 -18.56 -26.50
C LEU A 357 0.61 -19.73 -25.51
N HIS A 358 0.63 -19.40 -24.21
CA HIS A 358 0.80 -20.43 -23.18
C HIS A 358 -0.36 -21.41 -23.18
N ARG A 359 -1.56 -20.92 -23.41
CA ARG A 359 -2.77 -21.79 -23.30
C ARG A 359 -2.73 -22.94 -24.33
N ALA A 360 -1.93 -22.83 -25.37
CA ALA A 360 -1.92 -23.79 -26.45
C ALA A 360 -0.87 -24.88 -26.24
N LEU A 361 0.11 -24.66 -25.34
CA LEU A 361 1.34 -25.46 -25.39
C LEU A 361 1.18 -26.90 -24.95
N GLU A 362 0.11 -27.22 -24.21
CA GLU A 362 -0.12 -28.61 -23.71
C GLU A 362 -1.20 -29.36 -24.48
N HIS A 363 -1.75 -28.73 -25.52
CA HIS A 363 -2.69 -29.39 -26.43
C HIS A 363 -3.85 -29.96 -25.63
N HIS A 364 -4.16 -31.24 -25.81
CA HIS A 364 -5.31 -31.87 -25.12
C HIS A 364 -4.95 -32.51 -23.78
N HIS A 365 -3.73 -32.21 -23.25
CA HIS A 365 -3.43 -32.56 -21.86
C HIS A 365 -3.90 -31.50 -20.88
N HIS A 366 -4.73 -31.91 -19.94
CA HIS A 366 -5.45 -30.95 -19.09
C HIS A 366 -4.82 -30.77 -17.73
N HIS A 367 -3.89 -31.65 -17.36
CA HIS A 367 -3.38 -31.62 -15.99
C HIS A 367 -1.86 -31.67 -15.92
N HIS A 368 -1.20 -31.10 -16.93
CA HIS A 368 0.26 -30.97 -16.93
C HIS A 368 0.74 -29.69 -16.23
N ASN B 4 -32.67 15.76 23.66
CA ASN B 4 -31.61 16.55 22.95
C ASN B 4 -30.59 17.26 23.87
N PRO B 5 -29.46 16.58 24.10
CA PRO B 5 -28.31 17.10 24.86
C PRO B 5 -27.84 18.46 24.36
N CYS B 6 -27.98 18.73 23.07
CA CYS B 6 -27.39 19.92 22.50
C CYS B 6 -28.26 21.15 22.72
N GLU B 7 -29.47 20.94 23.24
CA GLU B 7 -30.27 22.11 23.72
C GLU B 7 -29.88 22.54 25.14
N LYS B 8 -29.00 21.76 25.79
CA LYS B 8 -28.53 21.95 27.19
C LYS B 8 -27.01 22.12 27.31
N HIS B 9 -26.28 21.82 26.24
CA HIS B 9 -24.80 21.81 26.25
C HIS B 9 -24.29 22.24 24.89
N SER B 10 -23.05 22.70 24.84
CA SER B 10 -22.37 22.91 23.55
C SER B 10 -22.22 21.54 22.87
N CYS B 11 -22.14 21.55 21.55
CA CYS B 11 -21.99 20.28 20.79
C CYS B 11 -21.12 20.49 19.58
N ILE B 12 -20.42 19.46 19.19
CA ILE B 12 -19.50 19.49 18.08
C ILE B 12 -19.42 18.11 17.42
N ALA B 13 -19.22 18.09 16.11
CA ALA B 13 -19.05 16.82 15.38
C ALA B 13 -17.59 16.75 14.95
N VAL B 14 -16.98 15.60 15.17
CA VAL B 14 -15.61 15.33 14.69
C VAL B 14 -15.63 14.04 13.92
N ILE B 15 -15.11 14.06 12.70
CA ILE B 15 -15.04 12.89 11.86
C ILE B 15 -13.58 12.47 11.72
N ASP B 16 -13.32 11.23 12.12
CA ASP B 16 -12.00 10.59 11.92
C ASP B 16 -12.06 9.87 10.58
N ALA B 17 -11.51 10.46 9.52
CA ALA B 17 -11.57 9.86 8.19
C ALA B 17 -10.25 9.11 8.00
N GLY B 18 -10.22 7.88 8.54
CA GLY B 18 -8.99 7.07 8.49
C GLY B 18 -8.92 6.14 7.28
N SER B 19 -7.84 5.34 7.26
CA SER B 19 -7.55 4.56 6.06
C SER B 19 -8.61 3.45 5.80
N THR B 20 -9.33 3.00 6.82
CA THR B 20 -10.25 1.84 6.61
C THR B 20 -11.73 2.26 6.70
N GLY B 21 -12.00 3.52 7.04
CA GLY B 21 -13.39 3.97 7.20
C GLY B 21 -13.45 5.36 7.81
N SER B 22 -14.65 5.91 7.96
CA SER B 22 -14.79 7.20 8.57
C SER B 22 -15.74 7.07 9.71
N ARG B 23 -15.35 7.65 10.87
CA ARG B 23 -16.22 7.53 12.05
C ARG B 23 -16.60 8.92 12.50
N LEU B 24 -17.89 9.20 12.45
CA LEU B 24 -18.46 10.46 12.93
C LEU B 24 -18.75 10.31 14.44
N HIS B 25 -18.31 11.29 15.22
CA HIS B 25 -18.71 11.45 16.60
C HIS B 25 -19.41 12.79 16.77
N ILE B 26 -20.45 12.83 17.60
CA ILE B 26 -20.96 14.12 18.08
C ILE B 26 -20.82 14.09 19.58
N TYR B 27 -20.15 15.11 20.10
CA TYR B 27 -19.94 15.23 21.53
C TYR B 27 -20.74 16.41 22.07
N SER B 28 -21.35 16.23 23.23
CA SER B 28 -21.79 17.35 24.06
C SER B 28 -20.75 17.63 25.11
N TYR B 29 -20.70 18.87 25.56
CA TYR B 29 -19.72 19.24 26.61
C TYR B 29 -20.15 20.55 27.25
N ASP B 30 -19.60 20.78 28.43
CA ASP B 30 -19.65 22.08 29.07
C ASP B 30 -18.27 22.65 29.01
N THR B 31 -18.09 23.85 29.57
CA THR B 31 -16.75 24.40 29.63
C THR B 31 -16.43 25.01 31.00
N ASP B 32 -15.12 25.00 31.35
CA ASP B 32 -14.70 25.54 32.65
C ASP B 32 -14.47 27.06 32.57
N ASP B 33 -13.78 27.64 33.57
CA ASP B 33 -13.64 29.08 33.61
C ASP B 33 -12.69 29.69 32.56
N THR B 34 -11.93 28.85 31.86
CA THR B 34 -11.21 29.29 30.68
C THR B 34 -11.87 28.86 29.37
N ASN B 35 -13.13 28.46 29.43
CA ASN B 35 -13.86 28.03 28.25
C ASN B 35 -13.23 26.77 27.62
N THR B 36 -12.57 25.98 28.49
CA THR B 36 -12.05 24.71 28.01
C THR B 36 -13.09 23.58 28.22
N PRO B 37 -13.29 22.73 27.21
CA PRO B 37 -14.31 21.65 27.39
C PRO B 37 -14.05 20.78 28.59
N ILE B 38 -15.16 20.49 29.29
CA ILE B 38 -15.21 19.51 30.37
C ILE B 38 -16.48 18.67 30.17
N HIS B 39 -16.59 17.55 30.92
CA HIS B 39 -17.85 16.74 30.88
C HIS B 39 -18.16 16.37 29.43
N ILE B 40 -17.12 16.05 28.68
CA ILE B 40 -17.29 15.61 27.28
C ILE B 40 -18.02 14.24 27.25
N GLU B 41 -19.14 14.18 26.52
CA GLU B 41 -19.94 12.98 26.36
C GLU B 41 -20.22 12.73 24.87
N GLU B 42 -20.04 11.49 24.46
CA GLU B 42 -20.39 11.08 23.10
C GLU B 42 -21.89 10.82 23.07
N ILE B 43 -22.60 11.55 22.21
CA ILE B 43 -24.05 11.37 22.07
C ILE B 43 -24.44 10.70 20.75
N TRP B 44 -23.48 10.53 19.84
CA TRP B 44 -23.71 9.88 18.55
C TRP B 44 -22.39 9.37 18.03
N ASN B 45 -22.39 8.18 17.44
CA ASN B 45 -21.20 7.56 16.85
C ASN B 45 -21.73 6.79 15.65
N LYS B 46 -21.26 7.06 14.44
CA LYS B 46 -21.56 6.31 13.22
C LYS B 46 -20.28 6.09 12.40
N LYS B 47 -20.01 4.82 12.02
CA LYS B 47 -18.89 4.47 11.20
C LYS B 47 -19.38 3.99 9.85
N ILE B 48 -18.70 4.38 8.78
CA ILE B 48 -18.95 3.74 7.47
C ILE B 48 -17.64 3.33 6.84
N LYS B 49 -17.73 2.31 5.99
CA LYS B 49 -16.62 1.82 5.18
C LYS B 49 -16.90 2.16 3.72
N PRO B 50 -15.84 2.14 2.86
CA PRO B 50 -14.46 2.03 3.21
C PRO B 50 -13.88 3.40 3.60
N GLY B 51 -12.56 3.52 3.57
CA GLY B 51 -11.91 4.83 3.83
C GLY B 51 -12.28 5.82 2.73
N PHE B 52 -12.38 7.09 3.09
CA PHE B 52 -12.71 8.17 2.14
C PHE B 52 -11.72 8.20 0.97
N ALA B 53 -10.42 7.94 1.27
CA ALA B 53 -9.37 7.91 0.21
C ALA B 53 -9.50 6.72 -0.72
N SER B 54 -10.44 5.84 -0.43
CA SER B 54 -10.59 4.59 -1.21
CA SER B 54 -10.57 4.63 -1.27
C SER B 54 -11.86 4.65 -2.10
N ILE B 55 -12.63 5.72 -2.00
CA ILE B 55 -13.82 5.76 -2.85
C ILE B 55 -13.48 6.55 -4.14
N GLN B 56 -14.25 6.42 -5.20
CA GLN B 56 -13.87 7.20 -6.41
C GLN B 56 -14.17 8.70 -6.17
N PRO B 57 -13.20 9.62 -6.52
CA PRO B 57 -13.48 11.02 -6.18
C PRO B 57 -14.36 11.75 -7.19
N ASN B 58 -15.64 11.41 -7.25
CA ASN B 58 -16.56 12.11 -8.14
C ASN B 58 -17.76 12.50 -7.29
N SER B 59 -18.58 13.41 -7.82
CA SER B 59 -19.64 13.96 -7.02
C SER B 59 -20.64 12.92 -6.58
N VAL B 60 -21.07 12.03 -7.48
CA VAL B 60 -22.06 11.01 -7.14
C VAL B 60 -21.54 10.13 -5.94
N THR B 61 -20.34 9.58 -6.02
CA THR B 61 -19.81 8.70 -4.97
C THR B 61 -19.51 9.47 -3.67
N ILE B 62 -18.93 10.66 -3.79
CA ILE B 62 -18.62 11.44 -2.59
C ILE B 62 -19.91 11.88 -1.89
N ASP B 63 -20.85 12.40 -2.66
CA ASP B 63 -22.14 12.77 -2.16
C ASP B 63 -22.83 11.59 -1.45
N ALA B 64 -22.88 10.41 -2.08
CA ALA B 64 -23.46 9.22 -1.41
C ALA B 64 -22.81 8.86 -0.07
N TYR B 65 -21.50 8.99 -0.03
CA TYR B 65 -20.72 8.59 1.13
C TYR B 65 -20.98 9.58 2.27
N LEU B 66 -20.94 10.89 1.99
CA LEU B 66 -21.20 11.84 3.05
C LEU B 66 -22.64 11.79 3.54
N THR B 67 -23.57 11.58 2.60
CA THR B 67 -24.99 11.35 2.98
C THR B 67 -25.12 10.13 3.91
N MET B 68 -24.49 9.00 3.53
CA MET B 68 -24.53 7.80 4.36
CA MET B 68 -24.56 7.81 4.37
C MET B 68 -23.95 8.09 5.76
N LEU B 69 -22.86 8.85 5.81
CA LEU B 69 -22.19 9.11 7.09
C LEU B 69 -22.98 10.09 8.00
N LEU B 70 -23.64 11.08 7.38
CA LEU B 70 -24.13 12.24 8.13
C LEU B 70 -25.63 12.43 8.22
N ALA B 71 -26.38 12.00 7.20
CA ALA B 71 -27.78 12.44 7.10
C ALA B 71 -28.64 12.05 8.31
N ASP B 72 -28.40 10.89 8.89
CA ASP B 72 -29.28 10.43 9.97
C ASP B 72 -28.78 10.83 11.35
N ALA B 73 -27.73 11.68 11.45
CA ALA B 73 -27.29 12.15 12.74
C ALA B 73 -28.45 12.93 13.41
N PRO B 74 -28.53 12.87 14.74
CA PRO B 74 -29.67 13.47 15.46
C PRO B 74 -29.62 14.99 15.50
N ILE B 75 -28.44 15.60 15.32
CA ILE B 75 -28.27 17.05 15.46
C ILE B 75 -27.28 17.43 14.36
N HIS B 76 -27.67 18.39 13.54
CA HIS B 76 -26.84 18.88 12.41
C HIS B 76 -26.33 20.31 12.52
N ASN B 77 -26.97 21.17 13.32
CA ASN B 77 -26.61 22.63 13.32
C ASN B 77 -25.46 22.94 14.27
N ILE B 78 -24.32 22.30 14.02
CA ILE B 78 -23.17 22.35 14.89
C ILE B 78 -21.89 22.37 14.06
N PRO B 79 -20.79 22.82 14.71
CA PRO B 79 -19.51 22.76 14.02
C PRO B 79 -19.08 21.33 13.72
N VAL B 80 -18.50 21.14 12.54
CA VAL B 80 -18.00 19.85 12.07
C VAL B 80 -16.56 19.96 11.67
N TYR B 81 -15.72 19.04 12.17
CA TYR B 81 -14.34 18.90 11.69
C TYR B 81 -14.23 17.63 10.88
N PHE B 82 -13.74 17.66 9.65
CA PHE B 82 -13.51 16.47 8.86
C PHE B 82 -11.99 16.32 8.73
N TYR B 83 -11.38 15.44 9.54
CA TYR B 83 -9.92 15.30 9.52
C TYR B 83 -9.51 13.97 9.01
N ALA B 84 -8.91 13.92 7.84
CA ALA B 84 -8.44 12.65 7.31
C ALA B 84 -6.99 12.44 7.73
N THR B 85 -6.65 11.16 7.84
CA THR B 85 -5.35 10.76 8.36
C THR B 85 -4.55 10.02 7.26
N ALA B 86 -3.81 8.96 7.64
CA ALA B 86 -2.81 8.42 6.75
C ALA B 86 -3.35 7.88 5.41
N GLY B 87 -4.59 7.38 5.37
CA GLY B 87 -5.12 6.91 4.08
C GLY B 87 -5.06 8.02 3.03
N MET B 88 -5.47 9.25 3.41
CA MET B 88 -5.39 10.38 2.47
C MET B 88 -3.94 10.87 2.26
N ARG B 89 -3.10 10.77 3.30
CA ARG B 89 -1.68 11.16 3.12
C ARG B 89 -0.99 10.39 1.99
N LEU B 90 -1.45 9.15 1.72
CA LEU B 90 -0.80 8.32 0.69
C LEU B 90 -1.10 8.80 -0.74
N LEU B 91 -2.06 9.72 -0.91
CA LEU B 91 -2.51 10.08 -2.27
C LEU B 91 -1.82 11.32 -2.83
N PRO B 92 -1.71 11.38 -4.18
CA PRO B 92 -1.24 12.64 -4.85
C PRO B 92 -2.04 13.86 -4.33
N GLN B 93 -1.38 15.01 -4.27
CA GLN B 93 -2.05 16.25 -3.92
C GLN B 93 -3.26 16.51 -4.82
N SER B 94 -3.13 16.23 -6.12
CA SER B 94 -4.26 16.52 -7.10
C SER B 94 -5.48 15.73 -6.69
N GLN B 95 -5.27 14.47 -6.31
CA GLN B 95 -6.37 13.60 -5.93
CA GLN B 95 -6.37 13.60 -5.97
C GLN B 95 -6.97 14.08 -4.63
N GLN B 96 -6.11 14.44 -3.67
CA GLN B 96 -6.66 14.96 -2.39
C GLN B 96 -7.51 16.22 -2.66
N LYS B 97 -7.02 17.10 -3.54
CA LYS B 97 -7.78 18.32 -3.90
C LYS B 97 -9.13 17.97 -4.48
N LYS B 98 -9.18 16.91 -5.33
CA LYS B 98 -10.48 16.48 -5.88
C LYS B 98 -11.45 16.10 -4.79
N TYR B 99 -10.97 15.30 -3.84
CA TYR B 99 -11.84 14.87 -2.75
C TYR B 99 -12.34 16.07 -1.97
N TYR B 100 -11.45 16.98 -1.59
CA TYR B 100 -11.87 18.11 -0.75
C TYR B 100 -12.70 19.14 -1.50
N ASP B 101 -12.43 19.34 -2.78
CA ASP B 101 -13.29 20.21 -3.61
C ASP B 101 -14.71 19.65 -3.67
N GLU B 102 -14.85 18.33 -3.88
CA GLU B 102 -16.21 17.74 -3.89
C GLU B 102 -16.89 17.75 -2.52
N LEU B 103 -16.12 17.49 -1.48
CA LEU B 103 -16.66 17.52 -0.10
C LEU B 103 -17.10 18.97 0.25
N ASP B 104 -16.27 19.96 -0.07
CA ASP B 104 -16.64 21.36 0.17
C ASP B 104 -17.93 21.70 -0.54
N TYR B 105 -18.05 21.28 -1.80
CA TYR B 105 -19.29 21.55 -2.54
C TYR B 105 -20.49 20.91 -1.83
N TRP B 106 -20.31 19.67 -1.40
CA TRP B 106 -21.41 18.95 -0.69
C TRP B 106 -21.84 19.74 0.54
N PHE B 107 -20.88 20.16 1.36
CA PHE B 107 -21.22 20.97 2.55
C PHE B 107 -21.83 22.33 2.22
N ARG B 108 -21.50 22.89 1.06
CA ARG B 108 -22.15 24.13 0.63
C ARG B 108 -23.66 23.94 0.36
N GLN B 109 -24.07 22.71 0.08
CA GLN B 109 -25.51 22.44 -0.13
C GLN B 109 -26.24 22.04 1.15
N GLN B 110 -25.51 22.07 2.28
CA GLN B 110 -26.04 21.74 3.60
C GLN B 110 -26.29 23.07 4.36
N SER B 111 -27.50 23.24 4.93
CA SER B 111 -27.91 24.47 5.55
C SER B 111 -27.71 24.45 7.06
N GLN B 112 -27.34 23.28 7.61
CA GLN B 112 -27.19 23.22 9.08
C GLN B 112 -25.75 22.89 9.48
N TRP B 113 -25.16 21.83 8.90
CA TRP B 113 -23.76 21.52 9.24
C TRP B 113 -22.88 22.76 9.07
N GLN B 114 -22.01 23.01 10.06
CA GLN B 114 -21.08 24.16 10.00
C GLN B 114 -19.67 23.62 9.81
N LEU B 115 -19.26 23.47 8.56
CA LEU B 115 -17.95 22.82 8.32
C LEU B 115 -16.83 23.79 8.70
N VAL B 116 -16.10 23.47 9.80
CA VAL B 116 -15.04 24.34 10.23
C VAL B 116 -13.81 24.10 9.34
N GLU B 117 -13.34 22.85 9.21
CA GLU B 117 -12.18 22.50 8.35
C GLU B 117 -12.45 21.09 7.82
N ALA B 118 -12.02 20.84 6.58
CA ALA B 118 -11.91 19.52 6.03
C ALA B 118 -10.56 19.44 5.36
N LYS B 119 -9.66 18.61 5.90
CA LYS B 119 -8.31 18.54 5.41
C LYS B 119 -7.64 17.26 5.89
N THR B 120 -6.51 16.97 5.30
CA THR B 120 -5.62 15.89 5.74
C THR B 120 -4.73 16.49 6.79
N ILE B 121 -4.78 15.99 8.01
CA ILE B 121 -3.95 16.50 9.09
C ILE B 121 -2.58 15.75 9.06
N THR B 122 -1.52 16.39 9.61
CA THR B 122 -0.25 15.68 9.68
C THR B 122 -0.33 14.54 10.69
N GLY B 123 0.56 13.54 10.57
CA GLY B 123 0.63 12.45 11.58
C GLY B 123 1.01 13.09 12.94
N ASN B 124 1.78 14.19 12.94
CA ASN B 124 2.16 14.82 14.23
C ASN B 124 0.89 15.41 14.92
N ASP B 125 0.00 16.05 14.14
CA ASP B 125 -1.30 16.53 14.70
C ASP B 125 -2.11 15.32 15.24
N GLU B 126 -2.15 14.26 14.43
CA GLU B 126 -2.90 13.07 14.83
C GLU B 126 -2.32 12.51 16.16
N ALA B 127 -0.98 12.49 16.29
CA ALA B 127 -0.32 12.01 17.52
C ALA B 127 -0.69 12.91 18.74
N LEU B 128 -0.67 14.24 18.53
CA LEU B 128 -1.16 15.15 19.60
C LEU B 128 -2.59 14.81 20.03
N PHE B 129 -3.52 14.64 19.07
CA PHE B 129 -4.89 14.34 19.40
C PHE B 129 -4.96 12.96 20.08
N ASP B 130 -4.15 11.99 19.64
CA ASP B 130 -4.09 10.68 20.28
C ASP B 130 -3.81 10.85 21.79
N TRP B 131 -2.77 11.66 22.11
CA TRP B 131 -2.40 11.79 23.51
C TRP B 131 -3.49 12.50 24.31
N LEU B 132 -4.00 13.61 23.77
CA LEU B 132 -5.07 14.34 24.46
C LEU B 132 -6.32 13.46 24.72
N ALA B 133 -6.72 12.71 23.71
CA ALA B 133 -7.97 11.91 23.82
C ALA B 133 -7.79 10.85 24.92
N VAL B 134 -6.66 10.14 24.91
CA VAL B 134 -6.45 9.04 25.87
C VAL B 134 -6.30 9.63 27.29
N ASN B 135 -5.49 10.70 27.41
CA ASN B 135 -5.31 11.28 28.75
C ASN B 135 -6.58 11.93 29.29
N TYR B 136 -7.41 12.48 28.41
CA TYR B 136 -8.75 12.93 28.83
C TYR B 136 -9.56 11.79 29.45
N LYS B 137 -9.57 10.65 28.74
CA LYS B 137 -10.37 9.48 29.22
C LYS B 137 -9.77 8.94 30.53
N LEU B 138 -8.44 9.03 30.68
CA LEU B 138 -7.79 8.52 31.88
C LEU B 138 -7.91 9.48 33.05
N ASP B 139 -8.40 10.69 32.76
CA ASP B 139 -8.55 11.78 33.74
C ASP B 139 -7.16 12.21 34.28
N THR B 140 -6.18 12.30 33.38
CA THR B 140 -4.83 12.69 33.80
C THR B 140 -4.43 14.11 33.39
N LEU B 141 -5.37 14.88 32.83
CA LEU B 141 -5.07 16.22 32.30
C LEU B 141 -5.32 17.36 33.30
N LYS B 142 -6.25 17.17 34.24
CA LYS B 142 -6.67 18.26 35.12
C LYS B 142 -5.55 18.67 36.10
N SER B 143 -4.69 17.71 36.47
CA SER B 143 -3.60 17.99 37.43
C SER B 143 -2.26 17.40 36.97
N VAL B 144 -1.18 17.98 37.49
CA VAL B 144 0.20 17.64 37.12
C VAL B 144 0.51 16.17 37.50
N GLN B 145 1.00 15.40 36.53
CA GLN B 145 1.17 13.97 36.80
C GLN B 145 2.54 13.67 37.35
N ASN B 146 2.58 12.87 38.40
CA ASN B 146 3.82 12.29 38.90
C ASN B 146 4.32 11.13 38.02
N LYS B 147 3.52 10.75 37.02
CA LYS B 147 3.82 9.62 36.10
C LYS B 147 3.81 10.06 34.65
N SER B 148 4.68 9.49 33.84
CA SER B 148 4.69 9.84 32.42
C SER B 148 3.79 8.82 31.68
N VAL B 149 2.82 9.31 30.93
CA VAL B 149 1.88 8.48 30.19
C VAL B 149 2.20 8.63 28.71
N GLY B 150 2.54 7.50 28.09
CA GLY B 150 2.78 7.43 26.65
C GLY B 150 1.61 6.84 25.93
N VAL B 151 1.42 7.24 24.70
CA VAL B 151 0.33 6.71 23.87
C VAL B 151 0.86 6.26 22.52
N MET B 152 0.35 5.12 22.08
CA MET B 152 0.58 4.62 20.73
C MET B 152 -0.75 4.48 20.05
N ASP B 153 -0.77 4.84 18.78
CA ASP B 153 -1.98 4.60 17.96
C ASP B 153 -1.54 3.80 16.76
N MET B 154 -2.10 2.58 16.69
CA MET B 154 -1.74 1.59 15.70
C MET B 154 -2.76 1.56 14.57
N GLY B 155 -2.55 2.36 13.55
CA GLY B 155 -3.54 2.48 12.45
C GLY B 155 -3.25 1.57 11.28
N GLY B 156 -3.98 1.76 10.20
CA GLY B 156 -3.85 0.89 9.01
C GLY B 156 -2.70 1.33 8.12
N ALA B 157 -2.43 2.65 8.11
CA ALA B 157 -1.40 3.17 7.17
C ALA B 157 -0.25 3.87 7.90
N SER B 158 -0.54 4.48 9.05
CA SER B 158 0.51 5.02 9.92
C SER B 158 0.36 4.56 11.32
N VAL B 159 1.42 4.71 12.08
CA VAL B 159 1.38 4.53 13.56
C VAL B 159 1.96 5.75 14.23
N GLN B 160 1.36 6.15 15.34
CA GLN B 160 1.82 7.29 16.10
C GLN B 160 2.39 6.88 17.44
N ILE B 161 3.42 7.63 17.91
CA ILE B 161 3.87 7.52 19.26
C ILE B 161 3.95 8.92 19.84
N VAL B 162 3.60 9.08 21.14
CA VAL B 162 3.61 10.43 21.69
C VAL B 162 3.82 10.27 23.19
N PHE B 163 4.70 11.06 23.78
CA PHE B 163 4.98 10.97 25.19
C PHE B 163 5.56 12.27 25.73
N PRO B 164 5.48 12.49 27.04
CA PRO B 164 6.06 13.74 27.61
C PRO B 164 7.56 13.86 27.35
N MET B 165 8.00 15.05 26.96
CA MET B 165 9.42 15.33 26.75
C MET B 165 9.59 16.83 26.86
N PRO B 166 10.50 17.29 27.74
CA PRO B 166 10.73 18.75 27.85
C PRO B 166 11.21 19.29 26.48
N LYS B 167 10.82 20.52 26.13
CA LYS B 167 11.30 21.16 24.89
C LYS B 167 12.85 21.02 24.72
N ASN B 168 13.30 20.61 23.53
CA ASN B 168 14.72 20.36 23.20
C ASN B 168 15.01 21.11 21.92
N ALA B 169 15.95 22.06 21.93
CA ALA B 169 16.35 22.81 20.72
C ALA B 169 16.97 21.93 19.63
N GLU B 170 17.37 20.71 19.96
CA GLU B 170 18.02 19.81 18.99
C GLU B 170 17.06 18.95 18.18
N ILE B 171 15.81 18.88 18.63
CA ILE B 171 14.77 18.07 17.98
C ILE B 171 13.94 19.01 17.11
N SER B 172 13.56 18.53 15.93
CA SER B 172 12.72 19.31 15.01
C SER B 172 11.53 19.91 15.76
N LYS B 173 11.18 21.17 15.47
CA LYS B 173 9.97 21.79 16.00
C LYS B 173 8.67 21.01 15.65
N HIS B 174 8.69 20.29 14.52
CA HIS B 174 7.51 19.57 14.05
C HIS B 174 7.18 18.39 14.97
N ASN B 175 8.19 17.89 15.68
CA ASN B 175 8.01 16.70 16.54
C ASN B 175 7.84 17.08 18.02
N GLN B 176 7.61 18.38 18.31
CA GLN B 176 7.39 18.82 19.67
C GLN B 176 6.15 19.69 19.77
N VAL B 177 5.43 19.58 20.87
CA VAL B 177 4.22 20.40 21.07
C VAL B 177 4.18 20.80 22.51
N GLU B 178 4.00 22.10 22.73
CA GLU B 178 3.72 22.70 24.03
C GLU B 178 2.24 23.14 24.13
N LEU B 179 1.57 22.74 25.18
CA LEU B 179 0.27 23.28 25.36
C LEU B 179 0.03 23.60 26.81
N ASN B 180 -0.97 24.42 27.01
CA ASN B 180 -1.44 24.78 28.32
C ASN B 180 -2.88 24.38 28.35
N ILE B 181 -3.17 23.44 29.26
CA ILE B 181 -4.54 22.97 29.40
C ILE B 181 -4.85 22.74 30.87
N TYR B 182 -6.01 23.23 31.30
CA TYR B 182 -6.51 23.07 32.67
C TYR B 182 -5.46 23.61 33.64
N GLY B 183 -4.73 24.62 33.20
CA GLY B 183 -3.83 25.35 34.09
C GLY B 183 -2.46 24.71 34.17
N GLN B 184 -2.22 23.68 33.35
CA GLN B 184 -0.88 23.10 33.37
C GLN B 184 -0.20 23.18 32.02
N ASN B 185 1.12 23.25 32.06
CA ASN B 185 1.94 23.34 30.88
C ASN B 185 2.50 21.96 30.59
N ILE B 186 2.23 21.46 29.39
CA ILE B 186 2.58 20.12 28.98
C ILE B 186 3.41 20.19 27.71
N ASN B 187 4.52 19.47 27.68
CA ASN B 187 5.42 19.41 26.54
C ASN B 187 5.53 17.94 26.06
N LEU B 188 5.21 17.72 24.80
CA LEU B 188 5.14 16.36 24.22
C LEU B 188 6.08 16.17 23.04
N TYR B 189 6.65 14.97 22.91
CA TYR B 189 7.30 14.55 21.67
C TYR B 189 6.23 13.81 20.88
N VAL B 190 6.09 14.14 19.60
CA VAL B 190 5.10 13.46 18.71
C VAL B 190 5.79 12.93 17.46
N HIS B 191 5.41 11.74 17.00
CA HIS B 191 5.97 11.21 15.78
C HIS B 191 4.97 10.28 15.17
N SER B 192 4.88 10.34 13.85
CA SER B 192 4.10 9.40 13.08
C SER B 192 4.98 8.75 12.03
N PHE B 193 4.78 7.44 11.82
CA PHE B 193 5.53 6.68 10.83
C PHE B 193 4.61 6.24 9.72
N LEU B 194 4.61 6.97 8.64
CA LEU B 194 3.77 6.66 7.49
C LEU B 194 4.33 5.43 6.72
N GLY B 195 3.43 4.47 6.45
CA GLY B 195 3.83 3.21 5.80
C GLY B 195 3.94 2.11 6.87
N LEU B 196 4.00 2.43 8.15
CA LEU B 196 4.15 1.38 9.18
C LEU B 196 2.83 0.95 9.83
N GLY B 197 1.69 1.53 9.39
CA GLY B 197 0.39 1.01 9.81
C GLY B 197 0.20 -0.42 9.26
N GLN B 198 -0.78 -1.16 9.81
CA GLN B 198 -0.76 -2.63 9.56
C GLN B 198 -1.03 -3.03 8.14
N THR B 199 -1.84 -2.21 7.45
CA THR B 199 -2.18 -2.58 6.08
C THR B 199 -0.94 -2.41 5.18
N GLU B 200 -0.37 -1.19 5.24
CA GLU B 200 0.77 -0.93 4.40
C GLU B 200 1.98 -1.81 4.72
N MET B 201 2.25 -2.01 6.01
CA MET B 201 3.33 -2.91 6.45
CA MET B 201 3.39 -2.86 6.31
C MET B 201 3.14 -4.30 5.83
N SER B 202 1.89 -4.80 5.93
CA SER B 202 1.66 -6.23 5.58
CA SER B 202 1.64 -6.20 5.57
C SER B 202 1.95 -6.47 4.12
N HIS B 203 1.78 -5.40 3.28
CA HIS B 203 2.03 -5.56 1.86
C HIS B 203 3.49 -5.86 1.48
N GLN B 204 4.39 -5.77 2.44
CA GLN B 204 5.79 -6.11 2.20
C GLN B 204 6.15 -7.55 2.63
N PHE B 205 5.18 -8.30 3.23
CA PHE B 205 5.49 -9.61 3.86
C PHE B 205 4.53 -10.68 3.43
N LEU B 206 3.71 -10.47 2.41
CA LEU B 206 2.65 -11.45 2.14
C LEU B 206 3.21 -12.78 1.58
N ASN B 207 4.43 -12.77 1.02
CA ASN B 207 5.06 -14.01 0.59
C ASN B 207 6.15 -14.54 1.54
N SER B 208 6.09 -14.10 2.81
CA SER B 208 7.07 -14.61 3.83
C SER B 208 6.42 -15.78 4.55
N PRO B 209 6.87 -17.04 4.26
CA PRO B 209 6.22 -18.20 4.96
C PRO B 209 6.29 -18.09 6.48
N SER B 210 7.30 -17.42 7.06
CA SER B 210 7.42 -17.35 8.53
CA SER B 210 7.39 -17.39 8.53
C SER B 210 6.30 -16.54 9.16
N CYS B 211 5.65 -15.71 8.33
CA CYS B 211 4.64 -14.80 8.84
C CYS B 211 3.22 -15.29 8.76
N PHE B 212 3.04 -16.55 8.33
CA PHE B 212 1.67 -17.14 8.17
C PHE B 212 1.58 -18.53 8.77
N ALA B 213 0.38 -18.87 9.19
CA ALA B 213 0.13 -20.20 9.80
C ALA B 213 0.53 -21.29 8.81
N ASN B 214 0.88 -22.46 9.32
CA ASN B 214 1.24 -23.56 8.45
C ASN B 214 0.20 -23.84 7.41
N ASP B 215 0.68 -23.96 6.15
CA ASP B 215 -0.18 -24.31 4.99
C ASP B 215 -1.17 -23.22 4.59
N TYR B 216 -1.09 -22.02 5.17
CA TYR B 216 -1.84 -20.89 4.63
C TYR B 216 -1.30 -20.68 3.19
N PRO B 217 -2.17 -20.56 2.19
CA PRO B 217 -1.69 -20.39 0.81
C PRO B 217 -1.25 -18.93 0.53
N LEU B 218 0.06 -18.75 0.36
CA LEU B 218 0.62 -17.42 0.07
C LEU B 218 0.29 -17.06 -1.39
N PRO B 219 0.29 -15.78 -1.72
CA PRO B 219 -0.02 -15.37 -3.10
C PRO B 219 0.86 -16.04 -4.17
N ASP B 220 2.15 -16.25 -3.86
CA ASP B 220 3.11 -16.89 -4.81
C ASP B 220 2.95 -18.39 -4.99
N GLY B 221 1.99 -19.00 -4.30
CA GLY B 221 1.74 -20.45 -4.53
C GLY B 221 2.41 -21.30 -3.47
N GLU B 222 3.26 -20.67 -2.65
CA GLU B 222 3.92 -21.42 -1.56
C GLU B 222 3.03 -21.41 -0.32
N SER B 223 3.43 -22.17 0.68
CA SER B 223 2.66 -22.40 1.92
C SER B 223 3.24 -21.64 3.12
N GLY B 224 2.36 -21.15 3.99
CA GLY B 224 2.81 -20.67 5.31
C GLY B 224 3.60 -21.74 6.04
N GLN B 225 4.59 -21.28 6.82
CA GLN B 225 5.38 -22.10 7.72
C GLN B 225 5.76 -21.25 8.92
N GLY B 226 4.76 -20.97 9.77
CA GLY B 226 4.83 -19.82 10.71
C GLY B 226 5.94 -19.95 11.74
N ASN B 227 6.53 -18.82 12.10
CA ASN B 227 7.57 -18.79 13.13
C ASN B 227 7.68 -17.33 13.55
N ALA B 228 7.09 -16.98 14.70
CA ALA B 228 6.94 -15.56 15.03
C ALA B 228 8.29 -14.86 15.22
N PRO B 229 9.27 -15.50 15.88
CA PRO B 229 10.56 -14.76 16.04
C PRO B 229 11.17 -14.47 14.66
N SER B 230 11.04 -15.43 13.73
CA SER B 230 11.63 -15.22 12.39
C SER B 230 10.84 -14.10 11.67
N CYS B 231 9.51 -14.14 11.74
CA CYS B 231 8.70 -13.12 11.07
C CYS B 231 9.06 -11.78 11.71
N LYS B 232 9.15 -11.73 13.02
CA LYS B 232 9.48 -10.49 13.72
C LYS B 232 10.82 -9.90 13.21
N GLU B 233 11.84 -10.74 12.98
CA GLU B 233 13.10 -10.21 12.49
CA GLU B 233 13.12 -10.31 12.41
C GLU B 233 12.95 -9.64 11.07
N GLU B 234 12.08 -10.21 10.23
CA GLU B 234 11.84 -9.60 8.94
C GLU B 234 11.18 -8.20 9.08
N VAL B 235 10.16 -8.12 9.92
CA VAL B 235 9.44 -6.88 10.08
C VAL B 235 10.37 -5.84 10.71
N THR B 236 11.28 -6.28 11.57
CA THR B 236 12.22 -5.33 12.20
C THR B 236 13.09 -4.65 11.16
N SER B 237 13.45 -5.35 10.07
CA SER B 237 14.26 -4.72 9.01
CA SER B 237 14.24 -4.73 8.98
C SER B 237 13.50 -3.55 8.35
N LEU B 238 12.17 -3.65 8.26
CA LEU B 238 11.37 -2.52 7.76
C LEU B 238 11.37 -1.41 8.84
N MET B 239 11.23 -1.74 10.12
CA MET B 239 11.20 -0.73 11.17
CA MET B 239 11.21 -0.72 11.18
C MET B 239 12.50 0.08 11.21
N ASN B 240 13.64 -0.64 11.19
CA ASN B 240 14.91 -0.02 11.52
C ASN B 240 15.76 0.24 10.29
N SER B 241 16.04 -0.79 9.50
CA SER B 241 16.94 -0.58 8.33
C SER B 241 16.30 0.46 7.37
N VAL B 242 14.97 0.41 7.24
CA VAL B 242 14.26 1.30 6.32
C VAL B 242 13.87 2.60 7.08
N HIS B 243 12.98 2.51 8.07
CA HIS B 243 12.43 3.72 8.71
C HIS B 243 13.27 4.31 9.85
N LYS B 244 14.30 3.56 10.35
CA LYS B 244 15.15 4.08 11.41
C LYS B 244 14.32 4.41 12.66
N VAL B 245 13.29 3.59 12.93
CA VAL B 245 12.51 3.86 14.13
C VAL B 245 13.39 3.87 15.40
N ASN B 246 14.21 2.83 15.53
CA ASN B 246 15.07 2.74 16.71
C ASN B 246 15.97 3.95 16.95
N GLN B 247 16.63 4.41 15.89
CA GLN B 247 17.55 5.51 15.98
C GLN B 247 16.84 6.81 16.39
N GLN B 248 15.60 6.92 15.93
CA GLN B 248 14.83 8.15 16.20
C GLN B 248 14.21 8.14 17.58
N ILE B 249 13.71 6.98 18.01
CA ILE B 249 12.85 6.95 19.20
C ILE B 249 13.62 6.51 20.44
N GLN B 250 14.43 5.45 20.30
CA GLN B 250 14.97 4.88 21.53
C GLN B 250 15.80 5.83 22.38
N PRO B 251 16.62 6.70 21.75
CA PRO B 251 17.39 7.60 22.65
C PRO B 251 16.52 8.56 23.45
N LEU B 252 15.37 8.90 22.89
CA LEU B 252 14.51 9.85 23.56
C LEU B 252 13.75 9.18 24.69
N LEU B 253 13.30 7.93 24.48
CA LEU B 253 12.68 7.19 25.58
C LEU B 253 13.68 6.86 26.68
N ALA B 254 14.94 6.61 26.31
CA ALA B 254 15.97 6.39 27.32
C ALA B 254 16.08 7.60 28.29
N LEU B 255 15.98 8.81 27.75
CA LEU B 255 16.15 10.05 28.54
C LEU B 255 14.86 10.49 29.23
N ASN B 256 13.73 10.00 28.69
CA ASN B 256 12.37 10.41 29.06
C ASN B 256 11.45 9.19 29.27
N PRO B 257 11.75 8.38 30.29
CA PRO B 257 11.03 7.13 30.37
C PRO B 257 9.54 7.32 30.57
N VAL B 258 8.83 6.41 29.94
CA VAL B 258 7.40 6.34 30.11
C VAL B 258 7.08 5.30 31.19
N ASN B 259 6.24 5.69 32.14
CA ASN B 259 5.81 4.83 33.24
C ASN B 259 4.59 3.96 32.86
N GLU B 260 3.69 4.51 32.03
CA GLU B 260 2.49 3.79 31.62
CA GLU B 260 2.48 3.78 31.62
C GLU B 260 2.26 3.98 30.13
N TRP B 261 2.15 2.87 29.40
CA TRP B 261 1.83 2.85 27.99
C TRP B 261 0.37 2.48 27.75
N TYR B 262 -0.32 3.28 26.91
CA TYR B 262 -1.65 2.97 26.43
C TYR B 262 -1.63 2.98 24.94
N SER B 263 -2.35 2.05 24.36
CA SER B 263 -2.49 1.95 22.92
CA SER B 263 -2.48 1.93 22.92
C SER B 263 -3.93 1.97 22.50
N ILE B 264 -4.15 2.62 21.36
CA ILE B 264 -5.44 2.60 20.67
C ILE B 264 -5.16 2.12 19.23
N GLY B 265 -6.20 1.88 18.48
CA GLY B 265 -6.12 1.26 17.17
C GLY B 265 -6.12 -0.26 17.18
N GLY B 266 -5.28 -0.84 16.33
CA GLY B 266 -5.42 -2.27 15.97
C GLY B 266 -5.00 -3.27 17.02
N ILE B 267 -4.25 -2.88 18.06
CA ILE B 267 -3.83 -3.90 19.07
C ILE B 267 -5.04 -4.49 19.72
N SER B 268 -6.06 -3.69 20.01
CA SER B 268 -7.21 -4.18 20.76
C SER B 268 -8.00 -5.21 19.96
N ASN B 269 -8.05 -5.06 18.63
CA ASN B 269 -8.68 -6.05 17.79
C ASN B 269 -7.97 -7.43 17.82
N LEU B 270 -6.66 -7.39 17.67
CA LEU B 270 -5.82 -8.59 17.65
C LEU B 270 -5.93 -9.26 19.04
N ALA B 271 -5.72 -8.46 20.12
CA ALA B 271 -5.57 -9.03 21.45
C ALA B 271 -6.89 -9.61 21.98
N SER B 272 -8.00 -9.23 21.34
CA SER B 272 -9.32 -9.71 21.77
C SER B 272 -9.65 -11.11 21.22
N SER B 273 -8.84 -11.59 20.30
CA SER B 273 -9.01 -12.96 19.81
C SER B 273 -8.93 -13.95 20.97
N GLN B 274 -9.76 -15.01 20.91
CA GLN B 274 -9.67 -16.08 21.90
C GLN B 274 -8.38 -16.90 21.81
N LEU B 275 -7.58 -16.70 20.76
CA LEU B 275 -6.25 -17.32 20.69
C LEU B 275 -5.31 -16.83 21.76
N PHE B 276 -5.57 -15.64 22.30
CA PHE B 276 -4.69 -15.04 23.32
C PHE B 276 -5.28 -15.15 24.73
N HIS B 277 -4.40 -15.16 25.72
CA HIS B 277 -4.74 -15.09 27.12
C HIS B 277 -4.12 -13.85 27.70
N PHE B 278 -4.96 -12.82 27.79
CA PHE B 278 -4.60 -11.55 28.40
C PHE B 278 -5.67 -11.17 29.37
N GLU B 279 -5.27 -10.45 30.41
CA GLU B 279 -6.28 -10.04 31.38
C GLU B 279 -6.16 -8.56 31.66
N ASN B 280 -7.23 -7.95 32.16
CA ASN B 280 -7.21 -6.52 32.51
C ASN B 280 -6.97 -5.63 31.27
N SER B 281 -7.33 -6.08 30.04
CA SER B 281 -7.11 -5.26 28.81
C SER B 281 -5.68 -4.76 28.77
N GLU B 282 -4.74 -5.62 29.09
CA GLU B 282 -3.33 -5.27 28.92
C GLU B 282 -2.53 -6.51 28.50
N LEU B 283 -1.39 -6.27 27.88
CA LEU B 283 -0.53 -7.37 27.42
C LEU B 283 0.92 -7.00 27.66
N THR B 284 1.83 -7.96 27.43
CA THR B 284 3.24 -7.61 27.28
C THR B 284 3.65 -8.07 25.91
N ASN B 285 4.68 -7.42 25.35
CA ASN B 285 5.17 -7.89 24.05
C ASN B 285 5.71 -9.35 24.11
N GLN B 286 6.45 -9.70 25.17
CA GLN B 286 6.96 -11.06 25.35
C GLN B 286 5.78 -12.05 25.21
N SER B 287 4.70 -11.81 25.96
CA SER B 287 3.57 -12.72 25.91
CA SER B 287 3.50 -12.68 25.92
C SER B 287 2.84 -12.72 24.55
N LEU B 288 2.70 -11.54 23.95
CA LEU B 288 2.08 -11.45 22.64
C LEU B 288 2.87 -12.28 21.60
N LEU B 289 4.19 -12.18 21.61
CA LEU B 289 4.95 -12.86 20.56
C LEU B 289 4.92 -14.40 20.82
N GLN B 290 5.05 -14.80 22.10
CA GLN B 290 5.03 -16.24 22.44
C GLN B 290 3.68 -16.87 22.08
N GLN B 291 2.60 -16.20 22.50
CA GLN B 291 1.25 -16.74 22.21
C GLN B 291 0.98 -16.77 20.72
N GLY B 292 1.32 -15.71 20.00
CA GLY B 292 1.11 -15.72 18.53
C GLY B 292 1.96 -16.86 17.91
N ASP B 293 3.20 -17.04 18.38
CA ASP B 293 4.07 -18.07 17.80
C ASP B 293 3.41 -19.48 17.97
N ASN B 294 2.97 -19.75 19.19
CA ASN B 294 2.59 -21.13 19.51
C ASN B 294 1.12 -21.44 19.20
N GLN B 295 0.23 -20.47 19.40
CA GLN B 295 -1.19 -20.68 19.11
C GLN B 295 -1.61 -20.42 17.66
N ILE B 296 -0.78 -19.72 16.91
CA ILE B 296 -1.18 -19.23 15.58
C ILE B 296 -0.13 -19.61 14.53
N CYS B 297 1.08 -19.07 14.63
CA CYS B 297 2.08 -19.31 13.59
C CYS B 297 2.35 -20.81 13.40
N HIS B 298 2.46 -21.56 14.52
CA HIS B 298 2.78 -22.97 14.43
C HIS B 298 1.56 -23.89 14.27
N GLN B 299 0.39 -23.33 14.03
CA GLN B 299 -0.80 -24.12 13.90
C GLN B 299 -1.21 -24.28 12.43
N GLN B 300 -2.07 -25.25 12.15
CA GLN B 300 -2.52 -25.52 10.78
C GLN B 300 -3.61 -24.53 10.41
N TRP B 301 -3.41 -23.89 9.24
CA TRP B 301 -4.31 -22.82 8.78
C TRP B 301 -5.78 -23.30 8.71
N ASP B 302 -6.06 -24.41 8.03
CA ASP B 302 -7.47 -24.82 7.89
CA ASP B 302 -7.47 -24.85 7.89
C ASP B 302 -8.13 -25.06 9.24
N ILE B 303 -7.37 -25.61 10.18
CA ILE B 303 -7.89 -25.80 11.54
C ILE B 303 -8.21 -24.46 12.21
N LEU B 304 -7.24 -23.53 12.17
CA LEU B 304 -7.46 -22.19 12.76
C LEU B 304 -8.67 -21.52 12.12
N ASN B 305 -8.74 -21.56 10.78
CA ASN B 305 -9.77 -20.82 10.05
C ASN B 305 -11.18 -21.32 10.53
N GLY B 306 -11.35 -22.64 10.68
CA GLY B 306 -12.65 -23.16 11.07
C GLY B 306 -12.95 -22.97 12.55
N GLN B 307 -11.89 -22.92 13.37
CA GLN B 307 -12.01 -22.87 14.83
C GLN B 307 -12.33 -21.47 15.37
N TYR B 308 -11.95 -20.42 14.63
CA TYR B 308 -12.12 -19.00 15.04
C TYR B 308 -12.86 -18.23 13.91
N PRO B 309 -14.14 -18.56 13.69
CA PRO B 309 -14.83 -18.06 12.49
C PRO B 309 -15.19 -16.57 12.55
N ASP B 310 -15.21 -16.00 13.75
CA ASP B 310 -15.55 -14.53 13.89
C ASP B 310 -14.31 -13.64 13.93
N ASP B 311 -13.11 -14.21 13.74
CA ASP B 311 -11.89 -13.41 13.86
C ASP B 311 -11.48 -12.77 12.55
N GLU B 312 -11.73 -11.46 12.51
CA GLU B 312 -11.44 -10.72 11.29
C GLU B 312 -9.93 -10.64 11.08
N TYR B 313 -9.49 -10.99 9.87
CA TYR B 313 -8.07 -10.98 9.50
C TYR B 313 -7.26 -12.00 10.29
N LEU B 314 -7.94 -13.07 10.71
CA LEU B 314 -7.28 -14.19 11.39
C LEU B 314 -6.02 -14.63 10.63
N TYR B 315 -6.10 -14.65 9.30
CA TYR B 315 -4.96 -15.11 8.51
C TYR B 315 -3.68 -14.27 8.71
N GLN B 316 -3.85 -13.03 9.21
CA GLN B 316 -2.72 -12.16 9.51
C GLN B 316 -2.30 -12.18 10.97
N TYR B 317 -2.90 -13.00 11.86
CA TYR B 317 -2.56 -12.82 13.28
C TYR B 317 -1.13 -13.26 13.64
N CYS B 318 -0.55 -14.23 12.93
CA CYS B 318 0.86 -14.55 13.15
C CYS B 318 1.73 -13.34 12.77
N LEU B 319 1.46 -12.76 11.60
CA LEU B 319 2.14 -11.54 11.15
C LEU B 319 1.95 -10.39 12.14
N LEU B 320 0.70 -10.13 12.54
CA LEU B 320 0.47 -8.94 13.37
C LEU B 320 1.10 -9.06 14.75
N SER B 321 1.07 -10.28 15.32
CA SER B 321 1.76 -10.51 16.62
C SER B 321 3.26 -10.16 16.47
N SER B 322 3.83 -10.63 15.36
CA SER B 322 5.27 -10.46 15.09
C SER B 322 5.56 -8.95 14.81
N TYR B 323 4.65 -8.33 14.08
CA TYR B 323 4.86 -6.89 13.71
C TYR B 323 4.72 -5.97 14.93
N TYR B 324 3.73 -6.20 15.81
CA TYR B 324 3.60 -5.31 16.98
C TYR B 324 4.82 -5.41 17.86
N TYR B 325 5.36 -6.63 18.02
CA TYR B 325 6.61 -6.79 18.77
C TYR B 325 7.78 -6.07 18.09
N ALA B 326 7.91 -6.27 16.78
CA ALA B 326 8.98 -5.59 16.04
C ALA B 326 8.89 -4.07 16.23
N LEU B 327 7.68 -3.53 16.13
CA LEU B 327 7.50 -2.08 16.24
C LEU B 327 7.80 -1.62 17.66
N MET B 328 7.19 -2.26 18.66
CA MET B 328 7.32 -1.75 20.05
C MET B 328 8.65 -2.05 20.69
N VAL B 329 9.13 -3.30 20.53
CA VAL B 329 10.37 -3.71 21.18
C VAL B 329 11.56 -3.29 20.33
N ASP B 330 11.64 -3.83 19.12
CA ASP B 330 12.84 -3.52 18.29
C ASP B 330 12.90 -2.10 17.76
N GLY B 331 11.71 -1.51 17.56
CA GLY B 331 11.61 -0.12 17.09
C GLY B 331 11.70 0.87 18.25
N TYR B 332 10.69 0.91 19.08
CA TYR B 332 10.65 1.89 20.15
C TYR B 332 11.54 1.59 21.34
N GLY B 333 12.00 0.35 21.45
CA GLY B 333 12.87 -0.06 22.55
C GLY B 333 12.15 -0.36 23.85
N ILE B 334 10.84 -0.61 23.77
CA ILE B 334 10.07 -0.95 24.98
C ILE B 334 10.55 -2.32 25.45
N ASN B 335 10.64 -2.50 26.78
CA ASN B 335 11.02 -3.78 27.31
C ASN B 335 9.94 -4.84 27.02
N PRO B 336 10.35 -6.05 26.59
CA PRO B 336 9.34 -7.11 26.31
C PRO B 336 8.41 -7.43 27.48
N ASN B 337 8.86 -7.12 28.70
CA ASN B 337 8.02 -7.36 29.88
C ASN B 337 7.19 -6.18 30.37
N GLN B 338 7.27 -5.04 29.69
CA GLN B 338 6.52 -3.86 30.08
CA GLN B 338 6.50 -3.89 30.17
C GLN B 338 5.02 -4.03 29.74
N THR B 339 4.13 -3.75 30.69
CA THR B 339 2.69 -3.76 30.37
C THR B 339 2.35 -2.71 29.33
N ILE B 340 1.50 -3.10 28.37
CA ILE B 340 0.94 -2.19 27.38
C ILE B 340 -0.58 -2.31 27.59
N HIS B 341 -1.23 -1.21 27.92
CA HIS B 341 -2.69 -1.18 28.11
C HIS B 341 -3.28 -0.99 26.73
N TYR B 342 -4.36 -1.71 26.42
CA TYR B 342 -5.10 -1.43 25.20
C TYR B 342 -6.50 -1.07 25.61
N ILE B 343 -7.07 -0.12 24.92
CA ILE B 343 -8.37 0.35 25.32
C ILE B 343 -9.32 -0.76 24.82
N PRO B 344 -10.24 -1.29 25.70
CA PRO B 344 -11.17 -2.34 25.30
C PRO B 344 -11.79 -2.02 23.92
N PRO B 345 -11.88 -3.03 23.04
CA PRO B 345 -12.29 -2.78 21.64
C PRO B 345 -13.71 -2.19 21.48
N GLU B 346 -14.64 -2.58 22.37
CA GLU B 346 -16.03 -2.06 22.45
C GLU B 346 -16.12 -0.56 22.41
N GLN B 347 -15.07 0.10 22.91
CA GLN B 347 -15.05 1.57 22.99
C GLN B 347 -14.80 2.26 21.67
N ASN B 348 -14.06 1.59 20.80
CA ASN B 348 -13.62 2.14 19.54
C ASN B 348 -12.99 3.51 19.78
N LEU B 349 -12.19 3.64 20.85
CA LEU B 349 -11.62 4.95 21.25
C LEU B 349 -10.65 5.38 20.17
N ASP B 350 -10.84 6.60 19.66
CA ASP B 350 -9.90 7.19 18.69
C ASP B 350 -9.44 8.55 19.21
N TRP B 351 -8.84 9.35 18.34
CA TRP B 351 -8.21 10.60 18.79
C TRP B 351 -9.17 11.81 18.76
N THR B 352 -10.46 11.62 18.40
CA THR B 352 -11.32 12.73 18.11
C THR B 352 -11.57 13.64 19.31
N ILE B 353 -11.58 13.16 20.55
CA ILE B 353 -11.71 14.08 21.71
C ILE B 353 -10.57 15.08 21.72
N GLY B 354 -9.43 14.68 21.19
CA GLY B 354 -8.29 15.62 21.16
C GLY B 354 -8.62 16.91 20.40
N VAL B 355 -9.49 16.82 19.38
CA VAL B 355 -9.90 18.01 18.57
C VAL B 355 -10.78 18.91 19.42
N VAL B 356 -11.72 18.28 20.15
CA VAL B 356 -12.68 19.04 20.98
C VAL B 356 -11.87 19.92 21.97
N LEU B 357 -10.85 19.36 22.59
CA LEU B 357 -10.01 20.12 23.55
C LEU B 357 -9.13 21.14 22.84
N HIS B 358 -8.44 20.68 21.80
CA HIS B 358 -7.34 21.49 21.22
C HIS B 358 -7.89 22.77 20.60
N ARG B 359 -9.10 22.73 20.01
CA ARG B 359 -9.66 23.91 19.32
C ARG B 359 -9.92 25.08 20.26
N ALA B 360 -10.00 24.83 21.57
CA ALA B 360 -10.36 25.88 22.57
C ALA B 360 -9.09 26.54 23.12
N LEU B 361 -7.91 25.94 22.94
CA LEU B 361 -6.78 26.39 23.79
C LEU B 361 -6.20 27.76 23.53
N GLU B 362 -6.43 28.28 22.33
CA GLU B 362 -5.88 29.61 21.97
C GLU B 362 -6.93 30.70 22.00
N HIS B 363 -8.17 30.36 22.44
CA HIS B 363 -9.20 31.40 22.59
C HIS B 363 -9.35 32.22 21.31
N HIS B 364 -9.29 33.56 21.40
CA HIS B 364 -9.57 34.38 20.23
C HIS B 364 -8.32 34.76 19.47
N HIS B 365 -7.21 34.02 19.72
CA HIS B 365 -6.02 34.17 18.89
C HIS B 365 -6.09 33.21 17.72
N HIS B 366 -6.05 33.77 16.51
CA HIS B 366 -6.33 32.96 15.32
C HIS B 366 -5.10 32.46 14.59
N HIS B 367 -3.91 32.96 14.95
CA HIS B 367 -2.72 32.59 14.19
C HIS B 367 -1.57 32.15 15.09
N HIS B 368 -1.91 31.53 16.22
CA HIS B 368 -0.92 30.97 17.15
C HIS B 368 -0.52 29.52 16.75
NA NA C . 1.59 -0.30 0.73
MO MOO D . 0.58 -4.75 -11.03
O1 MOO D . 1.18 -5.19 -12.53
O2 MOO D . 1.75 -4.70 -9.75
O3 MOO D . 0.21 -2.97 -11.29
O4 MOO D . -1.04 -5.44 -10.58
MG MG E . 0.91 -5.14 -14.66
O1 MES F . 13.05 -13.10 3.51
C2 MES F . 12.93 -12.01 2.59
C3 MES F . 12.40 -12.62 1.31
N4 MES F . 11.09 -13.27 1.61
C5 MES F . 11.25 -14.46 2.47
C6 MES F . 11.87 -13.94 3.77
C7 MES F . 10.44 -13.54 0.33
C8 MES F . 10.71 -12.14 -0.18
S MES F . 10.21 -11.89 -1.74
O1S MES F . 11.30 -12.46 -2.58
O2S MES F . 8.93 -12.58 -1.97
O3S MES F . 10.00 -10.45 -1.85
MG MG G . 12.10 15.24 -26.20
C1 GOL H . -0.19 7.52 -7.00
O1 GOL H . -1.04 6.82 -6.01
C2 GOL H . 0.89 6.54 -7.53
O2 GOL H . 1.75 6.06 -6.49
C3 GOL H . 0.24 5.36 -8.20
O3 GOL H . 1.33 4.54 -8.68
MO1 M27 I . 6.12 16.65 -20.04
MO2 M27 I . 5.17 15.30 -22.71
O2 M27 I . 5.83 17.00 -21.92
O4 M27 I . 6.63 14.81 -23.37
O6 M27 I . 7.75 16.19 -19.96
O8 M27 I . 4.38 15.99 -24.08
O9 M27 I . 6.20 18.32 -19.61
C1 EDO J . 4.71 13.66 -20.23
O1 EDO J . 5.45 14.78 -20.74
C2 EDO J . 4.52 12.69 -21.41
O2 EDO J . 4.25 13.56 -22.52
MO1 M27 K . -23.31 -10.67 -24.28
O1 M27 K . -22.33 -12.05 -23.99
O7 M27 K . -23.65 -10.73 -25.95
MO2 M27 K . -22.50 -7.85 -22.88
O2 M27 K . -21.89 -9.28 -24.27
O4 M27 K . -23.47 -7.10 -21.65
O8 M27 K . -22.87 -6.62 -24.08
O3 M27 K . -20.89 -7.57 -22.39
C1 EDO L . -25.61 -9.28 -22.71
O1 EDO L . -24.36 -8.98 -23.39
C2 EDO L . -26.08 -10.57 -23.35
O2 EDO L . -24.93 -11.45 -23.41
MO3 6LL M . -1.70 -19.94 -11.73
O3 6LL M . -0.11 -20.86 -11.11
MO2 6LL M . 1.69 -21.30 -11.82
O2 6LL M . 0.94 -21.77 -13.73
O4 6LL M . 2.47 -20.36 -10.54
O8 6LL M . 1.75 -22.87 -11.27
MO1 6LL M . 2.37 -20.89 -14.92
O1 6LL M . 2.64 -22.25 -15.93
O6 6LL M . -1.83 -18.83 -10.47
O13 6LL M . 1.27 -19.95 -15.89
O11 6LL M . -2.71 -21.33 -11.34
C1 GOL N . 5.11 -20.01 -14.22
O1 GOL N . 3.97 -19.81 -15.05
C2 GOL N . 4.59 -20.42 -12.87
O2 GOL N . 3.43 -21.28 -13.04
C3 GOL N . 5.75 -21.13 -12.17
O3 GOL N . 5.45 -21.20 -10.78
C1 EDO O . -3.15 -19.27 -14.37
O1 EDO O . -2.97 -18.94 -12.98
C2 EDO O . -1.85 -19.87 -14.89
O2 EDO O . -1.33 -20.72 -13.84
MO1 MO7 P . -3.65 8.55 -20.28
O1 MO7 P . -1.96 8.69 -19.85
O2 MO7 P . -5.77 8.07 -20.68
O3 MO7 P . -4.50 8.86 -18.58
O4 MO7 P . -4.04 10.02 -21.23
O5 MO7 P . -3.40 6.59 -19.19
MO2 MO7 P . -6.45 9.79 -21.78
O6 MO7 P . -8.13 9.42 -22.08
O7 MO7 P . -6.66 10.21 -19.94
O8 MO7 P . -6.14 11.32 -22.55
MO3 MO7 P . -6.67 8.61 -18.79
O9 MO7 P . -5.97 7.07 -17.89
O10 MO7 P . -8.19 7.99 -19.25
O11 MO7 P . -6.84 9.59 -17.35
MO4 MO7 P . -4.17 7.08 -17.30
O12 MO7 P . -2.29 7.69 -17.26
O13 MO7 P . -4.11 5.48 -16.62
O14 MO7 P . -4.57 8.09 -15.93
MO5 MO7 P . -1.34 6.72 -18.63
O15 MO7 P . 0.24 7.56 -18.61
O16 MO7 P . -1.04 5.28 -17.71
O17 MO7 P . -3.65 7.23 -21.62
O18 MO7 P . -5.70 8.57 -23.08
O19 MO7 P . -1.34 6.02 -20.42
MO6 MO7 P . -5.63 6.73 -22.36
MO7 MO7 P . -3.11 5.24 -20.85
O20 MO7 P . -5.03 5.34 -21.19
O21 MO7 P . -4.95 6.14 -23.85
O22 MO7 P . -7.35 6.37 -22.49
O23 MO7 P . -2.70 4.80 -22.45
O24 MO7 P . -3.10 3.82 -19.85
CL CL Q . 2.64 12.46 8.28
O1 8M0 R . -12.73 -7.67 5.70
MO1 8M0 R . -14.13 -8.56 6.14
O2 8M0 R . -14.53 -8.04 7.70
MO2 8M0 R . -17.17 -7.76 5.22
O3 8M0 R . -13.42 -10.38 6.53
MO3 8M0 R . -12.74 -11.25 4.99
O4 8M0 R . -14.13 -9.75 4.24
MO4 8M0 R . -15.75 -10.56 3.77
O5 8M0 R . -16.22 -9.51 5.97
MO5 8M0 R . -20.50 -9.84 5.36
O6 8M0 R . -17.99 -6.72 4.06
MO6 8M0 R . -16.15 -13.36 5.32
O7 8M0 R . -16.64 -9.12 3.40
MO7 8M0 R . -19.20 -12.61 4.44
O8 8M0 R . -17.44 -6.86 6.67
MO8 8M0 R . -17.58 -10.56 6.70
O9 8M0 R . -11.40 -10.19 4.72
O10 8M0 R . -12.20 -12.66 5.88
O11 8M0 R . -17.14 -11.59 4.52
O12 8M0 R . -15.59 -11.23 2.23
O13 8M0 R . -21.09 -8.42 4.58
O14 8M0 R . -19.98 -10.87 3.90
O15 8M0 R . -21.98 -10.66 5.78
O16 8M0 R . -19.22 -11.37 6.27
O17 8M0 R . -18.05 -13.77 5.49
O18 8M0 R . -16.00 -14.25 3.83
O19 8M0 R . -15.41 -14.41 6.52
O20 8M0 R . -16.61 -11.99 7.14
O21 8M0 R . -20.62 -13.45 4.77
O22 8M0 R . -17.83 -9.85 8.21
O23 8M0 R . -18.83 -13.18 2.86
O24 8M0 R . -15.32 -7.40 5.12
O25 8M0 R . -18.64 -9.08 5.52
O26 8M0 R . -14.67 -12.03 4.89
MG MG S . -3.42 0.58 -1.03
CL CL T . 2.98 -13.57 -5.94
O1 8M0 U . -3.60 10.48 -11.10
MO1 8M0 U . -4.05 11.69 -12.22
O2 8M0 U . -3.55 11.11 -13.79
MO2 8M0 U . -7.09 11.97 -13.45
O3 8M0 U . -2.73 13.10 -11.86
MO3 8M0 U . -2.90 13.91 -10.18
O4 8M0 U . -4.82 13.03 -10.61
MO4 8M0 U . -6.05 14.35 -11.15
O5 8M0 U . -5.38 13.27 -13.25
MO5 8M0 U . -8.77 14.95 -15.35
O6 8M0 U . -8.73 11.37 -13.14
MO6 8M0 U . -4.53 16.94 -12.29
O7 8M0 U . -7.39 13.26 -11.57
MO7 8M0 U . -7.53 17.27 -13.54
O8 8M0 U . -6.64 11.09 -14.87
MO8 8M0 U . -5.58 14.58 -14.56
O9 8M0 U . -2.35 12.53 -9.27
O10 8M0 U . -1.51 14.93 -10.33
O11 8M0 U . -6.26 15.66 -12.43
O12 8M0 U . -6.62 15.08 -9.77
O13 8M0 U . -10.11 13.85 -15.25
O14 8M0 U . -9.00 15.98 -13.82
O15 8M0 U . -9.32 16.16 -16.45
O16 8M0 U . -6.80 15.89 -15.13
O17 8M0 U . -5.66 17.90 -13.48
O18 8M0 U . -5.07 17.91 -10.96
O19 8M0 U . -2.95 17.60 -12.64
O20 8M0 U . -4.19 15.61 -14.13
O21 8M0 U . -8.10 18.44 -14.64
O22 8M0 U . -5.10 13.78 -15.94
O23 8M0 U . -8.04 17.85 -12.01
O24 8M0 U . -5.91 11.08 -12.34
O25 8M0 U . -7.58 13.67 -14.41
O26 8M0 U . -4.08 15.28 -11.19
MO MOO V . -4.90 5.40 9.82
O1 MOO V . -5.88 3.83 9.56
O2 MOO V . -5.22 5.78 11.47
O3 MOO V . -3.27 4.85 9.54
O4 MOO V . -5.60 6.48 8.56
MG MG W . -6.75 6.08 12.91
O1 MES X . 15.57 7.74 6.81
C2 MES X . 15.33 9.01 6.10
C3 MES X . 13.86 9.44 6.19
N4 MES X . 13.39 9.37 7.60
C5 MES X . 13.72 8.10 8.32
C6 MES X . 14.46 7.10 7.44
C7 MES X . 11.92 9.56 7.68
C8 MES X . 11.38 8.18 8.08
S MES X . 10.01 8.19 9.06
O1S MES X . 9.41 6.87 8.86
O2S MES X . 10.41 8.51 10.49
O3S MES X . 9.13 9.24 8.49
MG MG Y . -11.98 -15.39 26.45
C1 GOL Z . -6.54 -4.41 6.34
O1 GOL Z . -5.75 -3.83 7.42
C2 GOL Z . -6.05 -5.80 6.06
O2 GOL Z . -4.66 -5.68 5.75
C3 GOL Z . -6.82 -6.44 4.85
O3 GOL Z . -6.65 -5.63 3.64
MO1 M27 AA . -13.01 -15.57 17.89
O1 M27 AA . -13.21 -17.22 17.39
O7 M27 AA . -11.65 -15.65 18.85
MO2 M27 AA . -14.92 -13.71 19.56
O2 M27 AA . -14.48 -15.59 19.19
O4 M27 AA . -14.14 -13.64 21.06
O8 M27 AA . -16.55 -13.91 20.07
C1 GOL BA . -12.73 -10.58 19.22
O1 GOL BA . -13.39 -9.54 19.96
C2 GOL BA . -13.78 -11.19 18.30
O2 GOL BA . -14.89 -11.75 19.05
C3 GOL BA . -13.13 -12.31 17.46
O3 GOL BA . -13.28 -13.54 18.20
MO1 M27 CA . -27.83 16.49 5.60
O1 M27 CA . -28.10 15.86 4.01
O7 M27 CA . -26.42 15.70 6.14
MO2 M27 CA . -28.40 19.52 6.55
O2 M27 CA . -27.75 17.75 7.32
O4 M27 CA . -27.09 20.54 7.03
O6 M27 CA . -29.13 15.52 6.22
O8 M27 CA . -29.66 19.93 7.65
C1 GOL DA . -29.45 18.70 3.91
O1 GOL DA . -29.02 18.03 5.09
C2 GOL DA . -29.78 20.10 4.36
O2 GOL DA . -28.70 20.59 5.21
C3 GOL DA . -29.91 20.94 3.07
O3 GOL DA . -30.57 22.21 3.26
MO3 6LL EA . -2.33 20.53 10.65
O3 6LL EA . -0.48 20.83 11.18
MO2 6LL EA . 0.51 20.80 12.93
O2 6LL EA . -1.04 21.69 14.03
O4 6LL EA . 1.55 19.53 12.30
O8 6LL EA . 1.44 22.18 12.74
MO1 6LL EA . -1.01 20.53 15.72
O1 6LL EA . -0.94 21.78 16.85
O6 6LL EA . -2.05 19.43 9.41
O13 6LL EA . -2.68 20.06 15.69
O11 6LL EA . -2.38 22.07 9.89
C1 GOL FA . 3.28 19.38 15.62
O1 GOL FA . 3.81 19.55 14.32
C2 GOL FA . 1.79 19.13 15.44
O2 GOL FA . 1.15 20.35 14.97
C3 GOL FA . 1.19 18.80 16.76
O3 GOL FA . -0.21 19.04 16.58
C1 EDO GA . -4.44 20.85 13.06
O1 EDO GA . -3.18 21.41 12.58
C2 EDO GA . -5.27 20.57 11.83
O2 EDO GA . -4.31 20.17 10.85
MO1 MO7 HA . -17.78 -4.84 13.05
O1 MO7 HA . -16.30 -5.56 13.71
O2 MO7 HA . -19.38 -3.69 12.12
O3 MO7 HA . -17.40 -5.10 11.18
O4 MO7 HA . -19.06 -6.03 13.29
O5 MO7 HA . -16.31 -3.19 12.56
MO2 MO7 HA . -21.10 -4.99 12.40
O6 MO7 HA . -22.43 -4.13 11.71
O7 MO7 HA . -20.26 -5.55 10.80
O8 MO7 HA . -21.83 -6.44 13.04
MO3 MO7 HA . -19.07 -4.14 10.05
O9 MO7 HA . -17.56 -2.94 10.02
O10 MO7 HA . -20.27 -3.01 9.47
O11 MO7 HA . -18.73 -5.13 8.68
MO4 MO7 HA . -15.86 -3.65 10.55
O12 MO7 HA . -14.67 -4.84 11.63
O13 MO7 HA . -14.89 -2.24 10.24
O14 MO7 HA . -15.67 -4.60 9.12
MO5 MO7 HA . -14.49 -4.04 13.36
O15 MO7 HA . -13.58 -5.34 14.16
O16 MO7 HA . -13.31 -2.82 13.10
O17 MO7 HA . -18.16 -3.48 14.30
O18 MO7 HA . -20.97 -3.91 13.99
O19 MO7 HA . -15.39 -3.24 14.84
MO6 MO7 HA . -19.89 -2.28 13.66
MO7 MO7 HA . -16.67 -1.86 14.18
O20 MO7 HA . -18.32 -1.28 13.32
O21 MO7 HA . -20.14 -1.73 15.26
O22 MO7 HA . -21.11 -1.44 12.76
O23 MO7 HA . -17.26 -1.31 15.67
O24 MO7 HA . -15.58 -0.66 13.57
C1 GOL IA . -11.85 3.57 10.68
O1 GOL IA . -12.72 2.50 10.27
C2 GOL IA . -12.73 4.52 11.47
O2 GOL IA . -12.94 4.00 12.80
C3 GOL IA . -12.07 5.88 11.56
O3 GOL IA . -10.63 5.82 11.50
#